data_8PHH
#
_entry.id   8PHH
#
_entity_poly.entity_id   1
_entity_poly.type   'polypeptide(L)'
_entity_poly.pdbx_seq_one_letter_code
;MSSNDSAQTRNLQEERFNERTSTPTVVTAVLPDTNGPTTNSTSGSVGPPHPTPNVPVPTQSSSDPPSASGIFAKEIDLPR
NVIQHSGNKFILDVVPDSRFPTFAITEFVQRSFSNFTFEQYSYVSPASLVGYLVYMIHAFVFLVDAFERSPMSAYASEID
ASHAYLRIIDAFSDAYIPDFLFEILDTYLSHRLDIRSKLEMNVSYGSVLYKYDAPRIVAPSIFLLAHNQLISQSRESTAY
EKWLDSIVIHYSRAVIRVGNLVGGLYQSSHGSTTTHFTYRNWFARSLSRLADSATHRTHLRRPMISEFDYNIPSVNNNTY
NPYVHLLMLEPNNRNITLDFIRSLSSFCSTELKATRTLRDHISRRSAAISRCVIKGPEAPTWHSSPLDDLKEKSKQGNFS
QFCEVAKFGLPRKENSESYTFKFPKDASTIDTAFYLIQENGRSSVLDPTTADEELHTEGMNLLFDPYDDESSAHYATVLS
GKLIQNSNIDGETLLLPDPTTGLARTNSRYLQGSVLIRNVLPEFDQHEIRLFPRYPQISRLSASLTLLFNMRQVWIPRFK
QKVDEQPKLSNFSWNEGCDGTVPSLNVVTAESSTNGPAAEQQVILWSSYRHVSNSDRPTVDTVYYYSTLELLFGTRSSMM
QTYNLHQLLSLH
;
_entity_poly.pdbx_strand_id   B,A
#
# COMPACT_ATOMS: atom_id res chain seq x y z
N SER A 69 36.28 3.80 0.00
CA SER A 69 34.92 3.30 -0.33
C SER A 69 34.12 4.42 -0.97
N GLY A 70 34.68 5.06 -1.97
CA GLY A 70 33.98 6.16 -2.65
C GLY A 70 34.82 7.39 -2.55
N ILE A 71 34.92 8.14 -3.62
CA ILE A 71 35.74 9.37 -3.62
C ILE A 71 35.20 10.35 -2.60
N PHE A 72 33.89 10.47 -2.52
CA PHE A 72 33.24 11.45 -1.64
C PHE A 72 32.64 10.83 -0.39
N ALA A 73 32.98 9.61 -0.03
CA ALA A 73 32.36 9.00 1.14
C ALA A 73 32.80 9.69 2.42
N LYS A 74 34.06 10.10 2.51
CA LYS A 74 34.53 10.79 3.70
C LYS A 74 34.01 12.21 3.76
N GLU A 75 33.76 12.83 2.60
CA GLU A 75 33.28 14.21 2.59
C GLU A 75 31.81 14.29 2.93
N ILE A 76 30.97 13.51 2.25
CA ILE A 76 29.54 13.53 2.53
C ILE A 76 29.26 12.94 3.90
N ASP A 77 29.73 11.72 4.13
CA ASP A 77 29.71 11.00 5.40
C ASP A 77 28.29 10.86 5.92
N LEU A 78 27.51 10.08 5.18
CA LEU A 78 26.12 9.73 5.47
C LEU A 78 25.86 9.24 6.89
N PRO A 79 26.73 8.39 7.55
CA PRO A 79 26.40 8.00 8.94
C PRO A 79 26.37 9.12 9.98
N ARG A 80 26.83 10.33 9.65
CA ARG A 80 26.63 11.45 10.55
C ARG A 80 25.68 12.50 10.00
N ASN A 81 25.07 12.29 8.84
CA ASN A 81 24.19 13.27 8.22
C ASN A 81 22.84 12.69 7.83
N VAL A 82 22.52 11.48 8.29
CA VAL A 82 21.19 10.92 8.14
C VAL A 82 20.51 10.93 9.50
N ILE A 83 19.18 10.99 9.47
CA ILE A 83 18.36 10.76 10.65
C ILE A 83 17.73 9.40 10.49
N GLN A 84 17.74 8.60 11.55
CA GLN A 84 17.19 7.26 11.53
C GLN A 84 16.23 7.09 12.70
N HIS A 85 15.04 6.58 12.41
CA HIS A 85 14.06 6.30 13.43
C HIS A 85 13.20 5.15 12.94
N SER A 86 13.14 4.07 13.70
CA SER A 86 12.43 2.88 13.27
C SER A 86 10.93 2.99 13.39
N GLY A 87 10.42 4.01 14.07
CA GLY A 87 9.01 4.14 14.34
C GLY A 87 8.70 3.97 15.82
N ASN A 88 7.46 4.25 16.16
CA ASN A 88 7.03 4.15 17.54
C ASN A 88 6.57 2.73 17.85
N LYS A 89 6.34 2.46 19.13
CA LYS A 89 5.89 1.14 19.57
C LYS A 89 4.44 0.93 19.20
N PHE A 90 4.17 -0.21 18.58
CA PHE A 90 2.85 -0.51 18.07
C PHE A 90 2.62 -2.00 18.19
N ILE A 91 1.54 -2.40 18.85
CA ILE A 91 1.23 -3.81 19.05
C ILE A 91 0.07 -4.18 18.16
N LEU A 92 0.26 -5.17 17.32
CA LEU A 92 -0.77 -5.66 16.41
C LEU A 92 -1.31 -6.97 16.98
N ASP A 93 -2.60 -6.99 17.29
CA ASP A 93 -3.24 -8.15 17.91
C ASP A 93 -3.59 -9.18 16.87
N VAL A 94 -3.62 -10.45 17.27
CA VAL A 94 -4.06 -11.55 16.41
C VAL A 94 -5.13 -12.33 17.17
N VAL A 95 -6.34 -12.36 16.62
CA VAL A 95 -7.45 -13.08 17.24
C VAL A 95 -7.82 -14.25 16.33
N PRO A 96 -7.35 -15.46 16.61
CA PRO A 96 -7.63 -16.59 15.70
C PRO A 96 -9.09 -17.01 15.72
N ASP A 97 -9.63 -17.21 14.53
CA ASP A 97 -10.93 -17.85 14.34
C ASP A 97 -10.77 -19.31 14.72
N SER A 98 -11.28 -19.70 15.88
CA SER A 98 -10.98 -21.02 16.40
C SER A 98 -11.94 -22.09 15.90
N ARG A 99 -12.76 -21.81 14.89
CA ARG A 99 -13.55 -22.85 14.25
C ARG A 99 -12.68 -23.81 13.46
N PHE A 100 -11.67 -23.32 12.80
CA PHE A 100 -10.78 -24.12 11.96
C PHE A 100 -9.82 -24.99 12.78
N PRO A 101 -9.20 -24.51 13.87
CA PRO A 101 -8.56 -25.48 14.78
C PRO A 101 -9.51 -26.49 15.40
N THR A 102 -10.76 -26.11 15.70
CA THR A 102 -11.74 -27.07 16.22
C THR A 102 -12.07 -28.12 15.16
N PHE A 103 -12.13 -27.71 13.90
CA PHE A 103 -12.40 -28.63 12.80
C PHE A 103 -11.24 -29.60 12.62
N ALA A 104 -10.01 -29.14 12.85
CA ALA A 104 -8.86 -30.06 12.80
C ALA A 104 -8.85 -31.00 14.01
N ILE A 105 -9.16 -30.48 15.20
CA ILE A 105 -9.10 -31.26 16.44
C ILE A 105 -10.16 -32.35 16.44
N THR A 106 -11.36 -32.06 15.91
CA THR A 106 -12.42 -33.06 15.82
C THR A 106 -12.01 -34.21 14.91
N GLU A 107 -11.30 -33.90 13.83
CA GLU A 107 -10.85 -34.95 12.92
C GLU A 107 -9.71 -35.74 13.54
N PHE A 108 -8.87 -35.10 14.36
CA PHE A 108 -7.85 -35.83 15.10
C PHE A 108 -8.44 -36.76 16.15
N VAL A 109 -9.51 -36.34 16.82
CA VAL A 109 -10.13 -37.16 17.84
C VAL A 109 -10.94 -38.31 17.24
N GLN A 110 -11.63 -38.08 16.14
CA GLN A 110 -12.40 -39.15 15.50
C GLN A 110 -11.54 -40.25 14.89
N ARG A 111 -10.25 -40.01 14.71
CA ARG A 111 -9.33 -41.06 14.29
C ARG A 111 -8.52 -41.64 15.44
N SER A 112 -8.53 -40.99 16.60
CA SER A 112 -7.76 -41.50 17.73
C SER A 112 -8.63 -42.05 18.86
N PHE A 113 -9.93 -42.00 18.67
CA PHE A 113 -10.81 -42.44 19.75
C PHE A 113 -11.87 -43.39 19.24
N SER A 114 -11.71 -44.68 19.51
CA SER A 114 -12.75 -45.62 19.15
C SER A 114 -13.76 -45.73 20.29
N ASN A 115 -15.00 -46.07 19.93
CA ASN A 115 -16.01 -46.36 20.94
C ASN A 115 -15.78 -47.70 21.62
N PHE A 116 -14.90 -48.53 21.09
CA PHE A 116 -14.59 -49.85 21.63
C PHE A 116 -13.42 -49.79 22.61
N THR A 117 -12.89 -48.60 22.87
CA THR A 117 -11.75 -48.43 23.76
C THR A 117 -12.09 -47.38 24.82
N PHE A 118 -11.17 -47.22 25.77
CA PHE A 118 -11.10 -46.10 26.73
C PHE A 118 -12.32 -46.07 27.64
N GLU A 119 -12.68 -47.23 28.17
CA GLU A 119 -13.91 -47.39 28.94
C GLU A 119 -13.69 -47.25 30.43
N GLN A 120 -12.47 -46.99 30.88
CA GLN A 120 -12.17 -46.91 32.30
C GLN A 120 -12.00 -45.48 32.80
N TYR A 121 -12.25 -44.48 31.97
CA TYR A 121 -12.09 -43.09 32.35
C TYR A 121 -13.46 -42.45 32.51
N SER A 122 -13.61 -41.64 33.55
CA SER A 122 -14.92 -41.16 33.93
C SER A 122 -15.24 -39.81 33.28
N TYR A 123 -14.23 -39.09 32.83
CA TYR A 123 -14.43 -37.77 32.25
C TYR A 123 -13.91 -37.65 30.84
N VAL A 124 -13.58 -38.76 30.19
CA VAL A 124 -12.97 -38.73 28.87
C VAL A 124 -13.97 -39.24 27.85
N SER A 125 -14.24 -38.41 26.85
CA SER A 125 -15.18 -38.64 25.77
C SER A 125 -14.50 -38.08 24.54
N PRO A 126 -15.06 -38.31 23.34
CA PRO A 126 -14.63 -37.47 22.20
C PRO A 126 -14.94 -36.00 22.44
N ALA A 127 -16.10 -35.74 23.03
CA ALA A 127 -16.53 -34.37 23.30
C ALA A 127 -15.60 -33.67 24.29
N SER A 128 -15.30 -34.32 25.41
CA SER A 128 -14.44 -33.72 26.42
C SER A 128 -13.01 -33.57 25.93
N LEU A 129 -12.52 -34.48 25.10
CA LEU A 129 -11.16 -34.36 24.57
C LEU A 129 -11.04 -33.23 23.56
N VAL A 130 -12.02 -33.07 22.68
CA VAL A 130 -12.10 -31.89 21.82
C VAL A 130 -12.18 -30.61 22.64
N GLY A 131 -12.98 -30.59 23.71
CA GLY A 131 -13.06 -29.43 24.58
C GLY A 131 -11.78 -29.09 25.30
N TYR A 132 -11.04 -30.09 25.76
CA TYR A 132 -9.71 -29.90 26.32
C TYR A 132 -8.74 -29.30 25.31
N LEU A 133 -8.72 -29.84 24.09
CA LEU A 133 -7.77 -29.34 23.10
C LEU A 133 -8.15 -27.96 22.58
N VAL A 134 -9.44 -27.60 22.63
CA VAL A 134 -9.84 -26.23 22.30
C VAL A 134 -9.53 -25.29 23.46
N TYR A 135 -9.67 -25.78 24.70
CA TYR A 135 -9.29 -25.04 25.91
C TYR A 135 -7.82 -24.65 25.88
N MET A 136 -6.94 -25.53 25.42
CA MET A 136 -5.51 -25.24 25.51
C MET A 136 -5.06 -24.18 24.51
N ILE A 137 -5.77 -23.99 23.39
CA ILE A 137 -5.48 -22.89 22.48
C ILE A 137 -5.74 -21.54 23.16
N HIS A 138 -6.89 -21.42 23.80
CA HIS A 138 -7.26 -20.21 24.52
C HIS A 138 -6.38 -19.99 25.74
N ALA A 139 -5.93 -21.07 26.37
CA ALA A 139 -4.93 -21.02 27.42
C ALA A 139 -3.62 -20.44 26.93
N PHE A 140 -3.17 -20.86 25.74
CA PHE A 140 -1.96 -20.31 25.13
C PHE A 140 -2.11 -18.83 24.84
N VAL A 141 -3.28 -18.42 24.34
CA VAL A 141 -3.53 -17.00 24.08
C VAL A 141 -3.49 -16.18 25.36
N PHE A 142 -4.10 -16.69 26.45
CA PHE A 142 -4.03 -16.01 27.74
C PHE A 142 -2.62 -15.92 28.27
N LEU A 143 -1.81 -16.98 28.11
CA LEU A 143 -0.46 -16.93 28.66
C LEU A 143 0.42 -15.96 27.89
N VAL A 144 0.27 -15.91 26.56
CA VAL A 144 1.01 -14.95 25.76
C VAL A 144 0.58 -13.52 26.10
N ASP A 145 -0.72 -13.30 26.31
CA ASP A 145 -1.22 -11.98 26.67
C ASP A 145 -0.72 -11.54 28.04
N ALA A 146 -0.78 -12.43 29.03
CA ALA A 146 -0.54 -12.02 30.40
C ALA A 146 0.94 -12.00 30.73
N PHE A 147 1.77 -12.72 29.97
CA PHE A 147 3.17 -12.83 30.35
C PHE A 147 4.14 -12.39 29.25
N GLU A 148 3.67 -12.12 28.03
CA GLU A 148 4.57 -11.73 26.96
C GLU A 148 4.21 -10.42 26.29
N ARG A 149 2.94 -10.06 26.21
CA ARG A 149 2.53 -8.77 25.67
C ARG A 149 2.91 -7.67 26.65
N SER A 150 3.44 -6.57 26.13
CA SER A 150 3.92 -5.48 26.97
C SER A 150 3.15 -4.21 26.70
N PRO A 151 2.17 -3.83 27.54
CA PRO A 151 1.69 -4.52 28.74
C PRO A 151 0.54 -5.47 28.42
N MET A 152 0.03 -6.18 29.41
CA MET A 152 -1.10 -7.08 29.16
C MET A 152 -2.35 -6.27 28.91
N SER A 153 -3.33 -6.92 28.29
CA SER A 153 -4.58 -6.26 27.98
C SER A 153 -5.44 -6.10 29.23
N ALA A 154 -6.54 -5.38 29.08
CA ALA A 154 -7.42 -5.12 30.22
C ALA A 154 -8.17 -6.37 30.62
N TYR A 155 -8.42 -7.26 29.67
CA TYR A 155 -9.06 -8.53 29.96
C TYR A 155 -8.18 -9.45 30.79
N ALA A 156 -6.87 -9.41 30.57
CA ALA A 156 -5.95 -10.20 31.36
C ALA A 156 -5.59 -9.53 32.68
N SER A 157 -5.82 -8.23 32.79
CA SER A 157 -5.59 -7.53 34.04
C SER A 157 -6.67 -7.85 35.07
N GLU A 158 -7.85 -8.25 34.59
CA GLU A 158 -8.98 -8.54 35.44
C GLU A 158 -8.93 -9.93 36.05
N ILE A 159 -7.94 -10.75 35.71
CA ILE A 159 -7.80 -12.09 36.26
C ILE A 159 -6.88 -12.00 37.45
N ASP A 160 -7.31 -12.56 38.59
CA ASP A 160 -6.48 -12.63 39.79
C ASP A 160 -5.50 -13.79 39.66
N ALA A 161 -4.51 -13.57 38.81
CA ALA A 161 -3.53 -14.59 38.47
C ALA A 161 -2.55 -14.89 39.59
N SER A 162 -2.39 -13.98 40.54
CA SER A 162 -1.39 -14.14 41.58
C SER A 162 -1.86 -14.98 42.76
N HIS A 163 -3.11 -14.86 43.17
CA HIS A 163 -3.55 -15.61 44.34
C HIS A 163 -4.71 -16.57 44.05
N ALA A 164 -5.80 -16.05 43.48
CA ALA A 164 -7.04 -16.82 43.44
C ALA A 164 -7.01 -17.89 42.36
N TYR A 165 -6.44 -17.59 41.21
CA TYR A 165 -6.44 -18.49 40.06
C TYR A 165 -5.05 -18.98 39.71
N LEU A 166 -4.12 -18.94 40.66
CA LEU A 166 -2.77 -19.42 40.41
C LEU A 166 -2.71 -20.92 40.21
N ARG A 167 -3.58 -21.67 40.90
CA ARG A 167 -3.62 -23.12 40.75
C ARG A 167 -4.09 -23.53 39.37
N ILE A 168 -5.10 -22.83 38.85
CA ILE A 168 -5.64 -23.18 37.54
C ILE A 168 -4.67 -22.78 36.44
N ILE A 169 -4.06 -21.60 36.56
CA ILE A 169 -3.12 -21.11 35.55
C ILE A 169 -1.87 -21.98 35.55
N ASP A 170 -1.40 -22.40 36.72
CA ASP A 170 -0.32 -23.37 36.78
C ASP A 170 -0.75 -24.76 36.32
N ALA A 171 -2.05 -25.08 36.40
CA ALA A 171 -2.52 -26.37 35.93
C ALA A 171 -2.51 -26.44 34.41
N PHE A 172 -2.96 -25.38 33.73
CA PHE A 172 -2.88 -25.48 32.27
C PHE A 172 -1.53 -25.04 31.73
N SER A 173 -0.65 -24.47 32.54
CA SER A 173 0.69 -24.22 32.06
C SER A 173 1.55 -25.49 32.09
N ASP A 174 1.18 -26.46 32.92
CA ASP A 174 1.90 -27.71 33.00
C ASP A 174 1.05 -28.88 32.53
N ALA A 175 -0.05 -28.63 31.84
CA ALA A 175 -0.88 -29.68 31.30
C ALA A 175 -0.23 -30.30 30.06
N TYR A 176 -0.41 -31.61 29.91
CA TYR A 176 0.19 -32.31 28.79
C TYR A 176 -0.69 -32.20 27.56
N ILE A 177 -0.07 -31.86 26.43
CA ILE A 177 -0.77 -31.60 25.17
C ILE A 177 -0.19 -32.55 24.13
N PRO A 178 -1.02 -33.16 23.29
CA PRO A 178 -0.48 -33.95 22.17
C PRO A 178 0.29 -33.09 21.19
N ASP A 179 1.19 -33.73 20.44
CA ASP A 179 2.05 -33.02 19.50
C ASP A 179 1.29 -32.50 18.29
N PHE A 180 0.03 -32.90 18.10
CA PHE A 180 -0.76 -32.36 17.02
C PHE A 180 -1.07 -30.88 17.20
N LEU A 181 -1.37 -30.47 18.43
CA LEU A 181 -1.85 -29.11 18.65
C LEU A 181 -0.74 -28.09 18.56
N PHE A 182 0.51 -28.50 18.68
CA PHE A 182 1.61 -27.56 18.50
C PHE A 182 1.86 -27.22 17.05
N GLU A 183 1.33 -28.00 16.11
CA GLU A 183 1.28 -27.58 14.71
C GLU A 183 0.46 -26.32 14.53
N ILE A 184 -0.57 -26.14 15.34
CA ILE A 184 -1.37 -24.92 15.32
C ILE A 184 -0.73 -23.84 16.20
N LEU A 185 -0.13 -24.25 17.32
CA LEU A 185 0.42 -23.28 18.25
C LEU A 185 1.72 -22.67 17.76
N ASP A 186 2.43 -23.33 16.84
CA ASP A 186 3.66 -22.75 16.28
C ASP A 186 3.36 -21.57 15.38
N THR A 187 2.14 -21.46 14.89
CA THR A 187 1.70 -20.32 14.09
C THR A 187 1.26 -19.14 14.94
N TYR A 188 1.07 -19.34 16.24
CA TYR A 188 0.59 -18.30 17.11
C TYR A 188 1.71 -17.62 17.87
N LEU A 189 2.97 -17.87 17.50
CA LEU A 189 4.09 -17.33 18.25
C LEU A 189 4.30 -15.87 17.92
N SER A 190 4.84 -15.14 18.88
CA SER A 190 5.02 -13.70 18.75
C SER A 190 6.10 -13.40 17.72
N HIS A 191 6.03 -12.20 17.15
CA HIS A 191 6.95 -11.79 16.10
C HIS A 191 7.09 -10.28 16.08
N ARG A 192 8.34 -9.85 15.91
CA ARG A 192 8.71 -8.45 15.79
C ARG A 192 9.38 -8.25 14.43
N LEU A 193 8.96 -7.23 13.70
CA LEU A 193 9.49 -7.04 12.36
C LEU A 193 10.93 -6.53 12.42
N ASP A 194 11.63 -6.69 11.30
CA ASP A 194 13.07 -6.43 11.26
C ASP A 194 13.36 -4.94 11.16
N ILE A 195 12.90 -4.30 10.09
CA ILE A 195 13.12 -2.86 9.95
C ILE A 195 12.12 -2.08 10.79
N ARG A 196 10.87 -2.55 10.82
CA ARG A 196 9.89 -2.07 11.82
C ARG A 196 10.19 -2.74 13.15
N SER A 197 11.28 -2.31 13.79
CA SER A 197 11.77 -3.01 14.96
C SER A 197 10.97 -2.72 16.22
N LYS A 198 9.90 -1.93 16.13
CA LYS A 198 9.02 -1.68 17.25
C LYS A 198 7.57 -1.99 16.91
N LEU A 199 7.34 -2.80 15.88
CA LEU A 199 6.03 -3.31 15.54
C LEU A 199 5.99 -4.78 15.94
N GLU A 200 5.19 -5.10 16.95
CA GLU A 200 5.12 -6.44 17.51
C GLU A 200 3.77 -7.06 17.19
N MET A 201 3.79 -8.20 16.51
CA MET A 201 2.61 -9.03 16.33
C MET A 201 2.61 -10.12 17.39
N ASN A 202 1.49 -10.26 18.09
CA ASN A 202 1.32 -11.32 19.07
C ASN A 202 -0.15 -11.66 19.20
N VAL A 203 -0.43 -12.82 19.79
CA VAL A 203 -1.79 -13.31 19.90
C VAL A 203 -2.40 -12.83 21.21
N SER A 204 -3.64 -12.34 21.15
CA SER A 204 -4.30 -11.75 22.29
C SER A 204 -5.81 -11.70 22.03
N TYR A 205 -6.59 -11.92 23.10
CA TYR A 205 -8.03 -11.76 23.06
C TYR A 205 -8.47 -10.48 23.75
N GLY A 206 -7.57 -9.50 23.85
CA GLY A 206 -7.89 -8.25 24.51
C GLY A 206 -8.57 -7.24 23.62
N SER A 207 -9.10 -7.67 22.50
CA SER A 207 -9.87 -6.85 21.57
C SER A 207 -11.23 -7.43 21.29
N VAL A 208 -11.62 -8.47 22.02
CA VAL A 208 -12.78 -9.27 21.69
C VAL A 208 -14.02 -8.62 22.25
N LEU A 209 -14.96 -8.30 21.37
CA LEU A 209 -16.31 -7.92 21.76
C LEU A 209 -17.22 -9.08 21.38
N TYR A 210 -18.29 -9.26 22.14
CA TYR A 210 -19.04 -10.51 22.03
C TYR A 210 -19.89 -10.53 20.77
N LYS A 211 -20.53 -9.40 20.44
CA LYS A 211 -21.36 -9.29 19.26
C LYS A 211 -20.56 -9.20 17.96
N TYR A 212 -19.25 -9.14 18.03
CA TYR A 212 -18.37 -9.19 16.88
C TYR A 212 -17.67 -10.52 16.74
N ASP A 213 -17.35 -11.19 17.84
CA ASP A 213 -16.38 -12.28 17.84
C ASP A 213 -16.88 -13.54 18.53
N ALA A 214 -18.15 -13.57 18.97
CA ALA A 214 -18.65 -14.68 19.77
C ALA A 214 -18.69 -16.03 19.05
N PRO A 215 -19.25 -16.17 17.83
CA PRO A 215 -19.25 -17.51 17.22
C PRO A 215 -17.92 -17.93 16.64
N ARG A 216 -17.01 -17.01 16.39
CA ARG A 216 -15.72 -17.33 15.81
C ARG A 216 -14.69 -17.73 16.84
N ILE A 217 -14.99 -17.57 18.12
CA ILE A 217 -14.11 -18.07 19.17
C ILE A 217 -14.86 -19.17 19.89
N VAL A 218 -14.55 -20.43 19.56
CA VAL A 218 -15.35 -21.58 19.95
C VAL A 218 -15.16 -21.86 21.44
N ALA A 219 -16.22 -21.72 22.21
CA ALA A 219 -16.17 -21.88 23.65
C ALA A 219 -16.00 -23.35 24.01
N PRO A 220 -15.08 -23.67 24.91
CA PRO A 220 -14.86 -25.08 25.29
C PRO A 220 -16.00 -25.70 26.07
N SER A 221 -16.85 -24.89 26.70
CA SER A 221 -17.94 -25.41 27.52
C SER A 221 -19.05 -26.05 26.69
N ILE A 222 -19.13 -25.73 25.40
CA ILE A 222 -20.01 -26.42 24.46
C ILE A 222 -19.76 -27.92 24.46
N PHE A 223 -18.50 -28.31 24.47
CA PHE A 223 -18.12 -29.70 24.43
C PHE A 223 -18.29 -30.38 25.78
N LEU A 224 -18.19 -29.62 26.86
CA LEU A 224 -18.56 -30.09 28.20
C LEU A 224 -20.04 -30.39 28.27
N LEU A 225 -20.87 -29.56 27.64
CA LEU A 225 -22.30 -29.80 27.53
C LEU A 225 -22.62 -31.03 26.67
N ALA A 226 -21.85 -31.25 25.61
CA ALA A 226 -22.02 -32.47 24.80
C ALA A 226 -21.69 -33.72 25.60
N HIS A 227 -20.60 -33.66 26.38
CA HIS A 227 -20.27 -34.74 27.32
C HIS A 227 -21.41 -35.00 28.30
N ASN A 228 -22.04 -33.93 28.79
CA ASN A 228 -23.12 -34.09 29.75
C ASN A 228 -24.36 -34.67 29.10
N GLN A 229 -24.55 -34.40 27.80
CA GLN A 229 -25.71 -34.98 27.13
C GLN A 229 -25.48 -36.42 26.71
N LEU A 230 -24.24 -36.89 26.64
CA LEU A 230 -24.01 -38.29 26.27
C LEU A 230 -24.30 -39.29 27.39
N ILE A 231 -24.83 -38.88 28.54
CA ILE A 231 -25.00 -39.77 29.67
C ILE A 231 -26.38 -40.41 29.72
N SER A 232 -27.45 -39.63 29.65
CA SER A 232 -28.79 -40.15 29.83
C SER A 232 -29.60 -39.96 28.56
N GLN A 233 -30.74 -40.65 28.51
CA GLN A 233 -31.65 -40.56 27.39
C GLN A 233 -32.83 -39.67 27.76
N SER A 234 -33.13 -38.72 26.89
CA SER A 234 -34.22 -37.79 27.11
C SER A 234 -35.55 -38.39 26.65
N ARG A 235 -36.60 -37.58 26.70
CA ARG A 235 -37.95 -38.01 26.38
C ARG A 235 -38.11 -38.41 24.92
N GLU A 236 -37.98 -37.46 24.01
CA GLU A 236 -38.18 -37.72 22.58
C GLU A 236 -37.18 -36.95 21.73
N SER A 237 -35.99 -36.70 22.27
CA SER A 237 -34.97 -35.95 21.55
C SER A 237 -33.64 -36.68 21.64
N THR A 238 -32.85 -36.55 20.58
CA THR A 238 -31.54 -37.17 20.50
C THR A 238 -30.52 -36.41 21.33
N ALA A 239 -29.33 -36.98 21.48
CA ALA A 239 -28.26 -36.31 22.20
C ALA A 239 -27.74 -35.09 21.46
N TYR A 240 -27.75 -35.13 20.12
CA TYR A 240 -27.34 -33.99 19.31
C TYR A 240 -28.32 -32.83 19.45
N GLU A 241 -29.62 -33.11 19.43
CA GLU A 241 -30.61 -32.06 19.53
C GLU A 241 -30.68 -31.47 20.93
N LYS A 242 -30.49 -32.30 21.96
CA LYS A 242 -30.41 -31.78 23.32
C LYS A 242 -29.12 -31.04 23.57
N TRP A 243 -28.07 -31.36 22.82
CA TRP A 243 -26.84 -30.58 22.88
C TRP A 243 -27.01 -29.23 22.20
N LEU A 244 -27.78 -29.15 21.12
CA LEU A 244 -28.06 -27.87 20.49
C LEU A 244 -28.99 -27.00 21.34
N ASP A 245 -29.79 -27.61 22.21
CA ASP A 245 -30.64 -26.87 23.13
C ASP A 245 -29.88 -26.28 24.30
N SER A 246 -28.66 -26.76 24.56
CA SER A 246 -27.96 -26.44 25.79
C SER A 246 -27.51 -24.99 25.79
N ILE A 247 -27.89 -24.28 26.83
CA ILE A 247 -27.55 -22.88 26.98
C ILE A 247 -26.08 -22.75 27.35
N VAL A 248 -25.37 -21.90 26.63
CA VAL A 248 -23.97 -21.63 26.92
C VAL A 248 -23.81 -20.47 27.89
N ILE A 249 -24.52 -19.37 27.69
CA ILE A 249 -24.28 -18.15 28.45
C ILE A 249 -25.55 -17.31 28.42
N HIS A 250 -25.74 -16.47 29.43
CA HIS A 250 -26.86 -15.50 29.38
C HIS A 250 -26.22 -14.14 29.10
N TYR A 251 -26.10 -13.75 27.86
CA TYR A 251 -25.50 -12.43 27.56
C TYR A 251 -26.59 -11.40 27.58
N SER A 252 -26.54 -10.49 28.55
CA SER A 252 -27.60 -9.49 28.80
C SER A 252 -28.90 -10.26 29.04
N ARG A 253 -29.99 -9.90 28.41
CA ARG A 253 -31.19 -10.72 28.66
C ARG A 253 -31.29 -11.80 27.59
N ALA A 254 -30.25 -12.04 26.77
CA ALA A 254 -30.50 -13.04 25.75
C ALA A 254 -30.05 -14.41 26.23
N VAL A 255 -30.55 -15.45 25.58
CA VAL A 255 -30.19 -16.82 25.92
C VAL A 255 -29.42 -17.40 24.73
N ILE A 256 -28.11 -17.48 24.88
CA ILE A 256 -27.24 -17.95 23.80
C ILE A 256 -27.05 -19.45 23.98
N ARG A 257 -27.29 -20.21 22.92
CA ARG A 257 -27.22 -21.65 22.95
C ARG A 257 -26.16 -22.16 21.99
N VAL A 258 -25.96 -23.48 22.03
CA VAL A 258 -25.08 -24.16 21.10
C VAL A 258 -25.61 -24.07 19.67
N GLY A 259 -26.92 -24.16 19.48
CA GLY A 259 -27.51 -23.98 18.17
C GLY A 259 -27.42 -22.57 17.64
N ASN A 260 -27.13 -21.60 18.50
CA ASN A 260 -26.78 -20.27 18.03
C ASN A 260 -25.31 -20.20 17.63
N LEU A 261 -24.43 -20.76 18.44
CA LEU A 261 -23.00 -20.62 18.21
C LEU A 261 -22.46 -21.58 17.18
N VAL A 262 -23.06 -22.77 17.04
CA VAL A 262 -22.68 -23.73 16.01
C VAL A 262 -23.59 -23.66 14.81
N GLY A 263 -24.85 -23.30 14.99
CA GLY A 263 -25.72 -23.01 13.88
C GLY A 263 -26.43 -24.23 13.33
N GLY A 264 -26.86 -25.12 14.21
CA GLY A 264 -27.49 -26.33 13.77
C GLY A 264 -28.93 -26.46 14.20
N LEU A 265 -29.50 -25.40 14.77
CA LEU A 265 -30.87 -25.44 15.28
C LEU A 265 -31.46 -24.05 15.25
N TYR A 266 -32.50 -23.86 14.44
CA TYR A 266 -33.13 -22.55 14.28
C TYR A 266 -34.63 -22.71 14.32
N GLN A 267 -35.33 -21.59 14.13
CA GLN A 267 -36.78 -21.58 14.06
C GLN A 267 -37.27 -20.93 12.77
N THR A 274 -43.68 -22.15 14.79
CA THR A 274 -43.12 -22.32 16.13
C THR A 274 -42.32 -23.62 16.22
N THR A 275 -41.98 -24.18 15.07
CA THR A 275 -41.26 -25.44 14.98
C THR A 275 -39.76 -25.20 14.89
N HIS A 276 -39.00 -26.23 15.26
CA HIS A 276 -37.55 -26.21 15.22
C HIS A 276 -37.06 -27.00 14.01
N PHE A 277 -36.00 -26.49 13.39
CA PHE A 277 -35.37 -27.11 12.24
C PHE A 277 -33.89 -27.32 12.52
N THR A 278 -33.30 -28.30 11.83
CA THR A 278 -31.87 -28.59 11.97
C THR A 278 -31.22 -28.62 10.60
N TYR A 279 -30.10 -27.91 10.48
CA TYR A 279 -29.28 -27.93 9.27
C TYR A 279 -27.83 -28.05 9.70
N ARG A 280 -27.16 -29.11 9.26
CA ARG A 280 -25.75 -29.31 9.57
C ARG A 280 -24.92 -28.61 8.51
N ASN A 281 -24.40 -27.44 8.84
CA ASN A 281 -23.43 -26.78 7.98
C ASN A 281 -22.06 -27.38 8.24
N TRP A 282 -21.00 -26.86 7.59
CA TRP A 282 -19.71 -27.55 7.54
C TRP A 282 -19.04 -27.63 8.92
N PHE A 283 -19.42 -26.77 9.85
CA PHE A 283 -18.87 -26.85 11.19
C PHE A 283 -19.76 -27.74 12.06
N ALA A 284 -21.07 -27.65 11.88
CA ALA A 284 -21.99 -28.50 12.63
C ALA A 284 -21.93 -29.95 12.15
N ARG A 285 -21.63 -30.17 10.87
CA ARG A 285 -21.52 -31.52 10.35
C ARG A 285 -20.32 -32.23 10.93
N SER A 286 -19.27 -31.48 11.23
CA SER A 286 -18.10 -32.08 11.89
C SER A 286 -18.36 -32.26 13.38
N LEU A 287 -19.06 -31.31 14.01
CA LEU A 287 -19.27 -31.43 15.44
C LEU A 287 -20.38 -32.41 15.78
N SER A 288 -21.15 -32.85 14.78
CA SER A 288 -22.21 -33.83 15.00
C SER A 288 -21.67 -35.18 15.42
N ARG A 289 -20.44 -35.50 15.04
CA ARG A 289 -19.83 -36.78 15.33
C ARG A 289 -19.47 -36.96 16.80
N LEU A 290 -19.49 -35.89 17.59
CA LEU A 290 -19.22 -35.97 19.01
C LEU A 290 -20.45 -36.32 19.81
N ALA A 291 -21.63 -36.28 19.20
CA ALA A 291 -22.87 -36.63 19.89
C ALA A 291 -23.78 -37.44 18.99
N ASP A 292 -23.21 -38.25 18.10
CA ASP A 292 -24.03 -39.05 17.20
C ASP A 292 -24.60 -40.26 17.93
N SER A 293 -25.43 -41.02 17.21
CA SER A 293 -26.26 -42.05 17.82
C SER A 293 -25.45 -43.24 18.30
N ALA A 294 -24.35 -43.55 17.62
CA ALA A 294 -23.52 -44.68 18.04
C ALA A 294 -22.75 -44.37 19.32
N THR A 295 -22.21 -43.16 19.44
CA THR A 295 -21.53 -42.74 20.66
C THR A 295 -22.51 -42.63 21.82
N HIS A 296 -23.71 -42.12 21.56
CA HIS A 296 -24.72 -42.00 22.60
C HIS A 296 -25.27 -43.35 23.00
N ARG A 297 -25.25 -44.33 22.09
CA ARG A 297 -25.70 -45.67 22.42
C ARG A 297 -24.61 -46.44 23.16
N THR A 298 -23.34 -46.06 22.93
CA THR A 298 -22.23 -46.67 23.66
C THR A 298 -22.29 -46.37 25.15
N HIS A 299 -22.57 -45.13 25.53
CA HIS A 299 -22.47 -44.70 26.91
C HIS A 299 -23.75 -44.94 27.71
N LEU A 300 -24.89 -45.10 27.05
CA LEU A 300 -26.11 -45.58 27.71
C LEU A 300 -26.04 -47.05 28.06
N ARG A 301 -25.34 -47.85 27.26
CA ARG A 301 -25.27 -49.28 27.46
C ARG A 301 -23.97 -49.73 28.12
N ARG A 302 -23.07 -48.80 28.40
CA ARG A 302 -21.83 -49.07 29.13
C ARG A 302 -21.52 -47.83 29.97
N PRO A 303 -22.15 -47.69 31.13
CA PRO A 303 -22.01 -46.42 31.88
C PRO A 303 -20.70 -46.35 32.64
N MET A 304 -19.88 -45.37 32.27
CA MET A 304 -18.73 -45.02 33.09
C MET A 304 -18.64 -43.50 33.24
N ILE A 305 -19.15 -42.77 32.25
CA ILE A 305 -18.81 -41.36 32.16
C ILE A 305 -19.62 -40.55 33.17
N SER A 306 -18.94 -39.61 33.81
CA SER A 306 -19.52 -38.76 34.83
C SER A 306 -19.95 -37.43 34.24
N GLU A 307 -20.72 -36.69 35.01
CA GLU A 307 -21.27 -35.42 34.57
C GLU A 307 -20.48 -34.27 35.15
N PHE A 308 -20.07 -33.36 34.29
CA PHE A 308 -19.45 -32.11 34.72
C PHE A 308 -20.54 -31.22 35.31
N ASP A 309 -20.27 -30.66 36.49
CA ASP A 309 -21.27 -29.91 37.22
C ASP A 309 -21.21 -28.42 36.88
N TYR A 310 -20.82 -28.10 35.64
CA TYR A 310 -20.57 -26.77 35.13
C TYR A 310 -21.74 -25.80 35.31
N ASN A 311 -21.45 -24.59 35.75
CA ASN A 311 -22.44 -23.56 36.00
C ASN A 311 -22.43 -22.56 34.86
N ILE A 312 -23.60 -22.17 34.39
CA ILE A 312 -23.76 -21.34 33.21
C ILE A 312 -23.52 -19.88 33.58
N PRO A 313 -22.61 -19.19 32.90
CA PRO A 313 -22.31 -17.80 33.28
C PRO A 313 -23.38 -16.83 32.79
N SER A 314 -23.50 -15.71 33.47
CA SER A 314 -24.43 -14.64 33.11
C SER A 314 -23.66 -13.32 33.14
N VAL A 315 -23.43 -12.73 31.97
CA VAL A 315 -22.64 -11.52 31.83
C VAL A 315 -23.44 -10.50 31.04
N ASN A 316 -22.89 -9.27 30.98
CA ASN A 316 -23.35 -8.23 30.09
C ASN A 316 -22.13 -7.51 29.53
N ASN A 317 -22.36 -6.35 28.90
CA ASN A 317 -21.30 -5.57 28.26
C ASN A 317 -20.24 -5.09 29.25
N ASN A 318 -20.62 -4.77 30.49
CA ASN A 318 -19.68 -4.29 31.48
C ASN A 318 -18.96 -5.41 32.21
N THR A 319 -19.45 -6.64 32.15
CA THR A 319 -18.86 -7.74 32.90
C THR A 319 -18.33 -8.86 32.03
N TYR A 320 -18.48 -8.77 30.71
CA TYR A 320 -17.96 -9.82 29.83
C TYR A 320 -16.44 -9.79 29.80
N ASN A 321 -15.86 -10.96 29.92
CA ASN A 321 -14.43 -11.17 29.78
C ASN A 321 -14.26 -12.51 29.07
N PRO A 322 -13.61 -12.54 27.92
CA PRO A 322 -13.41 -13.81 27.21
C PRO A 322 -12.48 -14.76 27.93
N TYR A 323 -11.53 -14.27 28.71
CA TYR A 323 -10.68 -15.20 29.44
C TYR A 323 -11.42 -15.84 30.62
N VAL A 324 -12.50 -15.22 31.09
CA VAL A 324 -13.32 -15.87 32.11
C VAL A 324 -14.22 -16.92 31.47
N HIS A 325 -14.82 -16.60 30.32
CA HIS A 325 -15.79 -17.48 29.69
C HIS A 325 -15.12 -18.67 29.01
N LEU A 326 -13.99 -18.44 28.35
CA LEU A 326 -13.35 -19.51 27.59
C LEU A 326 -12.54 -20.42 28.49
N LEU A 327 -11.91 -19.86 29.53
CA LEU A 327 -11.08 -20.64 30.42
C LEU A 327 -11.83 -21.11 31.67
N MET A 328 -13.12 -20.79 31.77
CA MET A 328 -14.04 -21.22 32.83
C MET A 328 -13.56 -20.78 34.20
N LEU A 329 -13.34 -19.48 34.32
CA LEU A 329 -12.71 -18.88 35.50
C LEU A 329 -13.72 -18.12 36.35
N GLU A 330 -14.98 -18.54 36.32
CA GLU A 330 -15.99 -18.01 37.22
C GLU A 330 -15.70 -18.47 38.64
N PRO A 331 -16.17 -17.73 39.65
CA PRO A 331 -15.91 -18.16 41.04
C PRO A 331 -16.58 -19.47 41.44
N ASN A 332 -17.66 -19.87 40.79
CA ASN A 332 -18.35 -21.11 41.12
C ASN A 332 -17.91 -22.30 40.28
N ASN A 333 -17.03 -22.10 39.32
CA ASN A 333 -16.56 -23.16 38.45
C ASN A 333 -15.11 -23.54 38.71
N ARG A 334 -14.58 -23.21 39.89
CA ARG A 334 -13.16 -23.35 40.13
C ARG A 334 -12.77 -24.80 40.42
N ASN A 335 -13.66 -25.57 41.05
CA ASN A 335 -13.41 -26.99 41.25
C ASN A 335 -13.49 -27.76 39.94
N ILE A 336 -14.50 -27.42 39.13
CA ILE A 336 -14.80 -28.10 37.88
C ILE A 336 -13.66 -27.92 36.88
N THR A 337 -13.13 -26.70 36.79
CA THR A 337 -12.09 -26.40 35.82
C THR A 337 -10.79 -27.09 36.16
N LEU A 338 -10.41 -27.09 37.44
CA LEU A 338 -9.18 -27.73 37.87
C LEU A 338 -9.25 -29.24 37.72
N ASP A 339 -10.40 -29.84 38.06
CA ASP A 339 -10.58 -31.27 37.87
C ASP A 339 -10.62 -31.65 36.39
N PHE A 340 -11.21 -30.80 35.54
CA PHE A 340 -11.23 -31.05 34.10
C PHE A 340 -9.82 -31.04 33.51
N ILE A 341 -9.02 -30.03 33.87
CA ILE A 341 -7.66 -29.91 33.33
C ILE A 341 -6.79 -31.08 33.79
N ARG A 342 -6.87 -31.43 35.08
CA ARG A 342 -6.00 -32.49 35.59
C ARG A 342 -6.45 -33.86 35.07
N SER A 343 -7.75 -34.08 34.99
CA SER A 343 -8.28 -35.36 34.54
C SER A 343 -8.06 -35.60 33.06
N LEU A 344 -8.03 -34.58 32.22
CA LEU A 344 -7.72 -34.82 30.82
C LEU A 344 -6.23 -34.70 30.51
N SER A 345 -5.46 -34.02 31.35
CA SER A 345 -4.00 -34.09 31.25
C SER A 345 -3.48 -35.48 31.57
N SER A 346 -4.08 -36.15 32.56
CA SER A 346 -3.69 -37.53 32.86
C SER A 346 -4.03 -38.46 31.70
N PHE A 347 -5.18 -38.26 31.05
CA PHE A 347 -5.54 -39.07 29.91
C PHE A 347 -4.61 -38.85 28.73
N CYS A 348 -4.24 -37.60 28.46
CA CYS A 348 -3.35 -37.35 27.35
C CYS A 348 -1.93 -37.85 27.62
N SER A 349 -1.47 -37.77 28.87
CA SER A 349 -0.16 -38.30 29.20
C SER A 349 -0.12 -39.83 29.21
N THR A 350 -1.23 -40.50 29.52
CA THR A 350 -1.26 -41.95 29.54
C THR A 350 -1.57 -42.55 28.17
N GLU A 351 -2.66 -42.14 27.53
CA GLU A 351 -3.19 -42.83 26.37
C GLU A 351 -2.88 -42.15 25.04
N LEU A 352 -2.42 -40.90 25.06
CA LEU A 352 -2.14 -40.18 23.83
C LEU A 352 -0.67 -39.79 23.69
N LYS A 353 0.20 -40.28 24.57
CA LYS A 353 1.65 -40.08 24.55
C LYS A 353 2.05 -38.60 24.60
N ALA A 354 1.34 -37.80 25.37
CA ALA A 354 1.64 -36.37 25.44
C ALA A 354 2.77 -36.11 26.43
N THR A 355 3.79 -35.39 25.98
CA THR A 355 4.92 -35.06 26.84
C THR A 355 5.22 -33.57 26.94
N ARG A 356 4.48 -32.70 26.25
CA ARG A 356 4.86 -31.31 26.13
C ARG A 356 3.80 -30.41 26.73
N THR A 357 4.23 -29.31 27.35
CA THR A 357 3.35 -28.37 28.03
C THR A 357 3.45 -27.01 27.38
N LEU A 358 2.64 -26.06 27.85
CA LEU A 358 2.61 -24.72 27.28
C LEU A 358 3.66 -23.79 27.87
N ARG A 359 4.32 -24.20 28.96
CA ARG A 359 5.10 -23.25 29.74
C ARG A 359 6.38 -22.83 29.02
N ASP A 360 7.05 -23.77 28.38
CA ASP A 360 8.27 -23.48 27.65
C ASP A 360 8.01 -22.96 26.24
N HIS A 361 6.76 -22.72 25.88
CA HIS A 361 6.38 -22.48 24.51
C HIS A 361 5.85 -21.07 24.28
N ILE A 362 5.51 -20.35 25.35
CA ILE A 362 4.92 -19.02 25.17
C ILE A 362 5.95 -17.94 24.93
N SER A 363 7.22 -18.21 25.21
CA SER A 363 8.28 -17.24 24.95
C SER A 363 8.98 -17.46 23.62
N ARG A 364 8.53 -18.42 22.82
CA ARG A 364 9.17 -18.68 21.54
C ARG A 364 8.65 -17.73 20.48
N ARG A 365 9.47 -17.50 19.46
CA ARG A 365 9.17 -16.52 18.42
C ARG A 365 9.39 -17.11 17.04
N SER A 366 8.48 -16.77 16.13
CA SER A 366 8.56 -17.20 14.73
C SER A 366 7.74 -16.23 13.90
N ALA A 367 8.04 -16.19 12.61
CA ALA A 367 7.35 -15.32 11.67
C ALA A 367 6.11 -15.97 11.08
N ALA A 368 5.64 -17.06 11.67
CA ALA A 368 4.49 -17.78 11.15
C ALA A 368 3.18 -17.07 11.41
N ILE A 369 3.16 -16.08 12.31
CA ILE A 369 1.93 -15.38 12.66
C ILE A 369 1.48 -14.44 11.55
N SER A 370 2.36 -14.10 10.63
CA SER A 370 2.05 -13.20 9.53
C SER A 370 1.42 -13.90 8.33
N ARG A 371 1.34 -15.22 8.35
CA ARG A 371 0.68 -15.98 7.29
C ARG A 371 -0.81 -16.04 7.59
N CYS A 372 -1.64 -15.82 6.58
CA CYS A 372 -3.08 -15.85 6.82
C CYS A 372 -3.88 -16.32 5.61
N VAL A 373 -5.19 -16.42 5.79
CA VAL A 373 -6.12 -16.88 4.77
C VAL A 373 -7.07 -15.74 4.45
N ILE A 374 -6.97 -15.17 3.27
CA ILE A 374 -7.93 -14.16 2.85
C ILE A 374 -9.09 -14.87 2.18
N LYS A 375 -10.31 -14.51 2.57
CA LYS A 375 -11.48 -15.09 1.94
C LYS A 375 -12.53 -14.04 1.69
N GLY A 376 -13.42 -14.33 0.75
CA GLY A 376 -14.47 -13.42 0.39
C GLY A 376 -15.72 -13.65 1.22
N PRO A 377 -16.88 -13.37 0.65
CA PRO A 377 -18.14 -13.58 1.37
C PRO A 377 -18.45 -15.06 1.57
N GLU A 378 -18.49 -15.49 2.82
CA GLU A 378 -18.88 -16.85 3.15
C GLU A 378 -20.09 -16.83 4.05
N ALA A 379 -20.85 -17.91 4.02
CA ALA A 379 -22.06 -18.00 4.83
C ALA A 379 -21.69 -18.27 6.28
N PRO A 380 -22.42 -17.72 7.24
CA PRO A 380 -22.06 -17.93 8.64
C PRO A 380 -22.46 -19.30 9.15
N THR A 381 -21.65 -19.87 10.04
CA THR A 381 -22.04 -21.07 10.77
C THR A 381 -22.60 -20.69 12.14
N TRP A 382 -23.55 -19.76 12.14
CA TRP A 382 -24.16 -19.22 13.35
C TRP A 382 -25.38 -18.40 12.97
N HIS A 383 -26.22 -18.16 13.96
CA HIS A 383 -27.24 -17.12 13.91
C HIS A 383 -27.45 -16.65 15.33
N SER A 384 -28.16 -15.53 15.47
CA SER A 384 -28.35 -14.89 16.76
C SER A 384 -29.84 -14.70 17.06
N SER A 385 -30.67 -15.53 16.47
CA SER A 385 -32.08 -15.43 16.80
C SER A 385 -32.36 -16.16 18.12
N PRO A 386 -33.32 -15.68 18.91
CA PRO A 386 -33.67 -16.39 20.14
C PRO A 386 -34.33 -17.74 19.87
N LEU A 387 -33.88 -18.76 20.58
CA LEU A 387 -34.43 -20.10 20.49
C LEU A 387 -35.23 -20.42 21.75
N ASP A 388 -36.39 -21.04 21.56
CA ASP A 388 -37.16 -21.56 22.66
C ASP A 388 -36.68 -22.97 22.99
N ASP A 389 -37.22 -23.57 24.03
CA ASP A 389 -36.85 -24.93 24.42
C ASP A 389 -37.44 -25.93 23.44
N LEU A 390 -36.63 -26.87 22.99
CA LEU A 390 -37.10 -27.92 22.10
C LEU A 390 -37.84 -28.98 22.89
N LYS A 391 -39.16 -29.00 22.75
CA LYS A 391 -40.02 -29.98 23.38
C LYS A 391 -40.29 -31.18 22.50
N GLU A 392 -40.44 -30.96 21.19
CA GLU A 392 -40.74 -32.00 20.22
C GLU A 392 -39.44 -32.47 19.57
N LYS A 393 -39.57 -33.24 18.50
CA LYS A 393 -38.43 -33.56 17.65
C LYS A 393 -38.37 -32.58 16.49
N SER A 394 -37.16 -32.13 16.19
CA SER A 394 -36.94 -31.11 15.19
C SER A 394 -37.16 -31.67 13.78
N LYS A 395 -37.44 -30.76 12.84
CA LYS A 395 -37.61 -31.11 11.45
C LYS A 395 -36.32 -30.85 10.70
N GLN A 396 -36.29 -31.22 9.43
CA GLN A 396 -35.12 -31.05 8.57
C GLN A 396 -35.18 -29.70 7.89
N GLY A 397 -34.10 -28.94 7.98
CA GLY A 397 -33.98 -27.66 7.32
C GLY A 397 -32.92 -27.67 6.23
N ASN A 398 -32.86 -26.56 5.50
CA ASN A 398 -31.95 -26.44 4.38
C ASN A 398 -31.18 -25.12 4.47
N PHE A 399 -30.45 -24.82 3.39
CA PHE A 399 -29.49 -23.74 3.41
C PHE A 399 -30.18 -22.38 3.33
N SER A 400 -31.21 -22.26 2.48
CA SER A 400 -31.89 -20.99 2.27
C SER A 400 -32.65 -20.55 3.51
N GLN A 401 -33.27 -21.51 4.18
CA GLN A 401 -34.04 -21.19 5.37
C GLN A 401 -33.15 -20.86 6.55
N PHE A 402 -31.95 -21.44 6.59
CA PHE A 402 -30.97 -21.05 7.60
C PHE A 402 -30.41 -19.67 7.32
N CYS A 403 -30.16 -19.34 6.04
CA CYS A 403 -29.64 -18.03 5.71
C CYS A 403 -30.69 -16.93 5.84
N GLU A 404 -31.98 -17.27 5.82
CA GLU A 404 -32.99 -16.29 6.21
C GLU A 404 -32.96 -16.01 7.70
N VAL A 405 -32.65 -17.02 8.52
CA VAL A 405 -32.57 -16.80 9.95
C VAL A 405 -31.25 -16.13 10.34
N ALA A 406 -30.15 -16.52 9.70
CA ALA A 406 -28.85 -15.89 9.94
C ALA A 406 -28.72 -14.52 9.30
N LYS A 407 -29.72 -14.10 8.50
CA LYS A 407 -29.80 -12.78 7.87
C LYS A 407 -28.60 -12.53 6.96
N PHE A 408 -28.21 -13.56 6.24
CA PHE A 408 -27.08 -13.53 5.32
C PHE A 408 -27.59 -13.54 3.89
N GLY A 409 -27.13 -12.57 3.10
CA GLY A 409 -27.46 -12.55 1.69
C GLY A 409 -28.90 -12.19 1.42
N LEU A 410 -29.40 -11.21 2.14
CA LEU A 410 -30.78 -10.77 1.95
C LEU A 410 -30.90 -9.94 0.68
N PRO A 411 -32.05 -9.96 0.02
CA PRO A 411 -32.22 -9.16 -1.20
C PRO A 411 -32.39 -7.69 -0.89
N ARG A 412 -32.60 -6.93 -1.96
CA ARG A 412 -32.74 -5.48 -1.85
C ARG A 412 -34.04 -5.10 -1.16
N LYS A 413 -33.92 -4.24 -0.16
CA LYS A 413 -35.06 -3.78 0.61
C LYS A 413 -35.99 -2.92 -0.24
N GLU A 414 -37.27 -2.98 0.07
CA GLU A 414 -38.27 -2.21 -0.65
C GLU A 414 -38.30 -0.78 -0.16
N ASN A 415 -38.47 0.15 -1.10
CA ASN A 415 -38.52 1.58 -0.80
C ASN A 415 -39.85 1.88 -0.11
N SER A 416 -39.78 2.35 1.13
CA SER A 416 -40.98 2.64 1.90
C SER A 416 -41.55 4.02 1.61
N GLU A 417 -40.76 4.91 1.02
CA GLU A 417 -41.16 6.26 0.60
C GLU A 417 -41.69 7.09 1.76
N SER A 418 -40.97 7.03 2.89
CA SER A 418 -41.38 7.76 4.08
C SER A 418 -40.78 9.16 4.14
N TYR A 419 -39.93 9.54 3.19
CA TYR A 419 -39.39 10.88 3.12
C TYR A 419 -39.46 11.40 1.69
N THR A 420 -39.79 12.68 1.55
CA THR A 420 -39.95 13.30 0.24
C THR A 420 -39.12 14.57 0.17
N PHE A 421 -38.25 14.64 -0.84
CA PHE A 421 -37.44 15.82 -1.09
C PHE A 421 -38.24 16.89 -1.82
N LYS A 422 -37.73 18.12 -1.77
CA LYS A 422 -38.30 19.19 -2.55
C LYS A 422 -37.72 19.19 -3.95
N PHE A 423 -38.48 19.74 -4.89
CA PHE A 423 -38.02 19.92 -6.26
C PHE A 423 -38.87 21.03 -6.84
N PRO A 424 -38.29 21.94 -7.63
CA PRO A 424 -39.06 23.07 -8.17
C PRO A 424 -40.08 22.65 -9.21
N LYS A 425 -41.23 23.33 -9.22
CA LYS A 425 -42.19 23.14 -10.30
C LYS A 425 -41.64 23.68 -11.61
N ASP A 426 -40.83 24.73 -11.56
CA ASP A 426 -40.12 25.26 -12.71
C ASP A 426 -38.68 24.78 -12.65
N ALA A 427 -38.32 23.84 -13.52
CA ALA A 427 -36.98 23.26 -13.53
C ALA A 427 -35.94 24.22 -14.08
N SER A 428 -36.33 25.25 -14.81
CA SER A 428 -35.40 26.23 -15.35
C SER A 428 -35.29 27.43 -14.39
N THR A 429 -35.04 27.09 -13.12
CA THR A 429 -34.70 28.07 -12.10
C THR A 429 -33.44 27.62 -11.40
N ILE A 430 -33.08 26.35 -11.57
CA ILE A 430 -31.90 25.76 -10.97
C ILE A 430 -31.09 25.06 -12.06
N ASP A 431 -29.82 24.82 -11.77
CA ASP A 431 -28.97 24.01 -12.63
C ASP A 431 -28.98 22.56 -12.15
N THR A 432 -29.71 21.73 -12.89
CA THR A 432 -30.08 20.37 -12.51
C THR A 432 -28.86 19.46 -12.32
N ALA A 433 -27.85 19.64 -13.16
CA ALA A 433 -26.62 18.87 -13.07
C ALA A 433 -25.83 19.12 -11.80
N PHE A 434 -26.12 20.22 -11.09
CA PHE A 434 -25.53 20.51 -9.79
C PHE A 434 -26.54 20.37 -8.66
N TYR A 435 -27.66 19.71 -8.90
CA TYR A 435 -28.69 19.46 -7.90
C TYR A 435 -28.85 17.96 -7.73
N LEU A 436 -28.70 17.48 -6.51
CA LEU A 436 -28.53 16.06 -6.22
C LEU A 436 -29.85 15.30 -6.15
N ILE A 437 -30.97 15.92 -6.54
CA ILE A 437 -32.29 15.30 -6.48
C ILE A 437 -32.85 15.26 -7.89
N GLN A 438 -33.36 14.10 -8.29
CA GLN A 438 -33.74 13.82 -9.66
C GLN A 438 -35.09 14.41 -10.02
N GLU A 439 -35.52 14.14 -11.25
CA GLU A 439 -36.93 14.31 -11.63
C GLU A 439 -37.68 13.01 -11.52
N ASN A 440 -37.30 12.14 -10.56
CA ASN A 440 -37.61 10.72 -10.51
C ASN A 440 -37.24 10.06 -11.84
N GLY A 441 -35.95 10.07 -12.16
CA GLY A 441 -35.46 9.55 -13.42
C GLY A 441 -34.86 8.17 -13.36
N ARG A 442 -33.54 8.10 -13.56
CA ARG A 442 -32.84 6.82 -13.68
C ARG A 442 -32.75 6.12 -12.33
N SER A 443 -33.02 4.81 -12.33
CA SER A 443 -33.00 4.00 -11.12
C SER A 443 -31.62 3.38 -10.90
N SER A 444 -31.41 2.89 -9.69
CA SER A 444 -30.14 2.30 -9.32
C SER A 444 -30.08 0.84 -9.73
N VAL A 445 -28.99 0.45 -10.35
CA VAL A 445 -28.80 -0.92 -10.81
C VAL A 445 -27.97 -1.73 -9.82
N LEU A 446 -27.85 -1.26 -8.58
CA LEU A 446 -27.12 -1.96 -7.54
C LEU A 446 -28.01 -3.06 -6.97
N ASP A 447 -27.61 -4.32 -7.15
CA ASP A 447 -28.36 -5.44 -6.65
C ASP A 447 -27.49 -6.26 -5.71
N PRO A 448 -28.03 -6.68 -4.58
CA PRO A 448 -27.25 -7.53 -3.66
C PRO A 448 -27.08 -8.93 -4.21
N THR A 449 -25.94 -9.54 -3.87
CA THR A 449 -25.73 -10.94 -4.19
C THR A 449 -26.40 -11.81 -3.13
N THR A 450 -27.38 -12.61 -3.56
CA THR A 450 -28.17 -13.37 -2.61
C THR A 450 -27.43 -14.63 -2.17
N ALA A 451 -28.06 -15.37 -1.25
CA ALA A 451 -27.42 -16.53 -0.67
C ALA A 451 -27.43 -17.69 -1.63
N ASP A 452 -26.24 -18.09 -2.08
CA ASP A 452 -26.05 -19.24 -2.94
C ASP A 452 -25.09 -20.18 -2.23
N GLU A 453 -25.41 -21.47 -2.25
CA GLU A 453 -24.65 -22.45 -1.48
C GLU A 453 -23.27 -22.68 -2.09
N GLU A 454 -23.21 -22.79 -3.41
CA GLU A 454 -21.94 -23.00 -4.09
C GLU A 454 -21.08 -21.75 -4.03
N LEU A 455 -21.71 -20.58 -4.02
CA LEU A 455 -20.96 -19.34 -4.07
C LEU A 455 -20.45 -18.94 -2.68
N HIS A 456 -21.18 -19.32 -1.62
CA HIS A 456 -20.85 -18.86 -0.29
C HIS A 456 -20.41 -19.97 0.66
N THR A 457 -20.35 -21.22 0.22
CA THR A 457 -19.77 -22.27 1.05
C THR A 457 -18.56 -22.88 0.36
N GLU A 458 -18.53 -22.85 -0.96
CA GLU A 458 -17.50 -23.50 -1.76
C GLU A 458 -16.60 -22.49 -2.42
N GLY A 459 -16.37 -21.36 -1.77
CA GLY A 459 -15.51 -20.35 -2.33
C GLY A 459 -14.04 -20.70 -2.23
N MET A 460 -13.24 -19.96 -2.98
CA MET A 460 -11.80 -20.14 -2.99
C MET A 460 -11.15 -19.24 -1.94
N ASN A 461 -10.02 -19.70 -1.40
CA ASN A 461 -9.28 -18.96 -0.41
C ASN A 461 -7.95 -18.52 -0.99
N LEU A 462 -7.40 -17.45 -0.43
CA LEU A 462 -6.05 -17.03 -0.71
C LEU A 462 -5.14 -17.38 0.45
N LEU A 463 -3.85 -17.44 0.16
CA LEU A 463 -2.85 -17.80 1.16
C LEU A 463 -1.75 -16.75 1.13
N PHE A 464 -1.75 -15.89 2.13
CA PHE A 464 -0.79 -14.80 2.25
C PHE A 464 0.46 -15.30 2.95
N ASP A 465 1.61 -14.95 2.43
CA ASP A 465 2.87 -15.18 3.12
C ASP A 465 3.84 -14.10 2.70
N PRO A 466 4.29 -13.25 3.63
CA PRO A 466 5.15 -12.14 3.24
C PRO A 466 6.64 -12.45 3.29
N TYR A 467 7.03 -13.67 3.56
CA TYR A 467 8.45 -14.00 3.63
C TYR A 467 8.87 -15.13 2.73
N ASP A 468 8.04 -16.16 2.57
CA ASP A 468 8.42 -17.36 1.85
C ASP A 468 7.48 -17.58 0.67
N ASP A 469 7.84 -18.57 -0.15
CA ASP A 469 7.04 -18.96 -1.31
C ASP A 469 6.89 -20.47 -1.36
N GLU A 470 6.52 -21.09 -0.24
CA GLU A 470 6.39 -22.54 -0.16
C GLU A 470 4.99 -22.92 0.26
N SER A 471 4.38 -23.83 -0.51
CA SER A 471 3.06 -24.35 -0.18
C SER A 471 3.09 -25.32 1.00
N SER A 472 4.26 -25.85 1.34
CA SER A 472 4.35 -26.75 2.48
C SER A 472 4.18 -26.01 3.79
N ALA A 473 4.56 -24.73 3.81
CA ALA A 473 4.43 -23.92 5.01
C ALA A 473 3.00 -23.49 5.27
N HIS A 474 2.15 -23.50 4.26
CA HIS A 474 0.75 -23.12 4.43
C HIS A 474 -0.12 -24.27 4.91
N TYR A 475 0.45 -25.44 5.18
CA TYR A 475 -0.29 -26.52 5.81
C TYR A 475 -0.87 -26.11 7.15
N ALA A 476 -0.10 -25.39 7.94
CA ALA A 476 -0.54 -25.01 9.27
C ALA A 476 -1.38 -23.74 9.28
N THR A 477 -1.37 -22.95 8.21
CA THR A 477 -2.14 -21.71 8.23
C THR A 477 -3.58 -21.93 7.80
N VAL A 478 -3.88 -23.07 7.17
CA VAL A 478 -5.26 -23.42 6.90
C VAL A 478 -5.89 -23.96 8.17
N LEU A 479 -5.08 -24.59 9.02
CA LEU A 479 -5.54 -25.10 10.30
C LEU A 479 -5.59 -24.04 11.39
N SER A 480 -4.92 -22.90 11.20
CA SER A 480 -4.71 -21.98 12.32
C SER A 480 -5.93 -21.14 12.60
N GLY A 481 -6.65 -20.73 11.56
CA GLY A 481 -7.76 -19.82 11.72
C GLY A 481 -7.41 -18.35 11.61
N LYS A 482 -6.14 -18.01 11.40
CA LYS A 482 -5.74 -16.63 11.16
C LYS A 482 -6.26 -16.19 9.80
N LEU A 483 -7.26 -15.32 9.78
CA LEU A 483 -7.91 -15.02 8.53
C LEU A 483 -8.36 -13.57 8.47
N ILE A 484 -8.54 -13.10 7.23
CA ILE A 484 -9.20 -11.85 6.92
C ILE A 484 -10.35 -12.17 5.98
N GLN A 485 -11.58 -11.92 6.43
CA GLN A 485 -12.76 -12.20 5.62
C GLN A 485 -13.32 -10.89 5.13
N ASN A 486 -12.95 -10.51 3.91
CA ASN A 486 -13.36 -9.26 3.28
C ASN A 486 -14.56 -9.54 2.38
N SER A 487 -15.67 -8.88 2.65
CA SER A 487 -16.85 -9.06 1.83
C SER A 487 -17.09 -7.93 0.85
N ASN A 488 -16.84 -6.67 1.22
CA ASN A 488 -17.18 -5.57 0.32
C ASN A 488 -16.12 -4.48 0.19
N ILE A 489 -14.98 -4.58 0.86
CA ILE A 489 -13.97 -3.55 0.72
C ILE A 489 -13.15 -3.81 -0.54
N ASP A 490 -13.04 -2.80 -1.39
CA ASP A 490 -12.31 -2.93 -2.64
C ASP A 490 -11.00 -2.17 -2.65
N GLY A 491 -10.81 -1.22 -1.75
CA GLY A 491 -9.62 -0.40 -1.79
C GLY A 491 -9.24 0.17 -0.43
N GLU A 492 -7.94 0.30 -0.21
CA GLU A 492 -7.38 0.93 0.96
C GLU A 492 -6.33 1.93 0.50
N THR A 493 -6.34 3.12 1.07
CA THR A 493 -5.43 4.18 0.68
C THR A 493 -4.24 4.26 1.64
N LEU A 494 -3.05 4.31 1.05
CA LEU A 494 -1.79 4.47 1.79
C LEU A 494 -1.46 5.95 1.92
N LEU A 495 -0.99 6.35 3.09
CA LEU A 495 -0.46 7.70 3.27
C LEU A 495 0.96 7.75 2.74
N LEU A 496 1.22 8.67 1.83
CA LEU A 496 2.55 8.79 1.25
C LEU A 496 3.47 9.53 2.20
N PRO A 497 4.78 9.23 2.17
CA PRO A 497 5.69 9.89 3.10
C PRO A 497 5.91 11.36 2.79
N ASP A 498 5.81 12.20 3.81
CA ASP A 498 6.09 13.62 3.67
C ASP A 498 7.49 13.87 4.20
N PRO A 499 8.43 14.34 3.36
CA PRO A 499 9.80 14.55 3.85
C PRO A 499 9.96 15.75 4.76
N THR A 500 8.93 16.58 4.90
CA THR A 500 8.99 17.76 5.75
C THR A 500 8.41 17.53 7.14
N THR A 501 8.03 16.31 7.48
CA THR A 501 7.54 16.01 8.81
C THR A 501 8.57 15.17 9.56
N GLY A 502 8.21 14.76 10.76
CA GLY A 502 9.11 13.96 11.56
C GLY A 502 9.24 12.55 11.02
N LEU A 503 10.44 11.99 11.21
CA LEU A 503 10.69 10.66 10.68
C LEU A 503 10.01 9.60 11.54
N ALA A 504 9.72 9.92 12.80
CA ALA A 504 8.91 9.06 13.64
C ALA A 504 7.49 8.96 13.11
N ARG A 505 6.94 10.09 12.69
CA ARG A 505 5.57 10.11 12.17
C ARG A 505 5.51 9.48 10.78
N THR A 506 6.57 9.63 9.99
CA THR A 506 6.63 9.01 8.68
C THR A 506 6.78 7.49 8.80
N ASN A 507 7.64 7.04 9.69
CA ASN A 507 7.87 5.63 9.94
C ASN A 507 6.87 5.02 10.92
N SER A 508 5.84 5.77 11.32
CA SER A 508 4.79 5.20 12.17
C SER A 508 3.45 5.16 11.43
N ARG A 509 3.46 4.76 10.17
CA ARG A 509 2.22 4.62 9.41
C ARG A 509 1.69 3.19 9.56
N TYR A 510 1.17 2.93 10.75
CA TYR A 510 0.81 1.56 11.13
C TYR A 510 -0.66 1.23 10.93
N LEU A 511 -1.56 2.20 11.01
CA LEU A 511 -2.98 1.94 10.89
C LEU A 511 -3.48 2.04 9.46
N GLN A 512 -2.58 2.03 8.47
CA GLN A 512 -2.99 2.05 7.09
C GLN A 512 -3.55 0.69 6.71
N GLY A 513 -4.78 0.67 6.19
CA GLY A 513 -5.44 -0.58 5.90
C GLY A 513 -6.28 -1.10 7.02
N SER A 514 -6.61 -0.26 7.99
CA SER A 514 -7.45 -0.63 9.12
C SER A 514 -8.78 0.08 9.00
N VAL A 515 -9.82 -0.57 9.50
CA VAL A 515 -11.14 0.02 9.57
C VAL A 515 -11.58 -0.01 11.02
N LEU A 516 -11.90 1.16 11.57
CA LEU A 516 -12.42 1.26 12.92
C LEU A 516 -13.80 0.60 12.95
N ILE A 517 -14.03 -0.23 13.97
CA ILE A 517 -15.16 -1.16 13.94
C ILE A 517 -16.48 -0.48 14.29
N ARG A 518 -16.44 0.83 14.53
CA ARG A 518 -17.65 1.64 14.51
C ARG A 518 -18.35 1.57 13.15
N ASN A 519 -17.60 1.38 12.07
CA ASN A 519 -18.10 1.25 10.72
C ASN A 519 -18.32 -0.19 10.30
N VAL A 520 -17.88 -1.15 11.09
CA VAL A 520 -17.94 -2.56 10.72
C VAL A 520 -19.21 -3.18 11.28
N LEU A 521 -19.95 -3.88 10.43
CA LEU A 521 -21.22 -4.48 10.79
C LEU A 521 -20.98 -5.66 11.73
N PRO A 522 -21.62 -5.69 12.92
CA PRO A 522 -21.41 -6.80 13.85
C PRO A 522 -22.07 -8.07 13.34
N GLU A 523 -21.46 -9.22 13.60
CA GLU A 523 -21.97 -10.46 13.05
C GLU A 523 -22.86 -11.24 14.01
N PHE A 524 -22.65 -11.13 15.33
CA PHE A 524 -23.44 -11.89 16.28
C PHE A 524 -24.49 -11.02 16.95
N ASP A 525 -24.61 -9.77 16.52
CA ASP A 525 -25.83 -9.03 16.82
C ASP A 525 -26.82 -9.42 15.73
N GLN A 526 -28.04 -8.91 15.78
CA GLN A 526 -29.10 -9.48 14.96
C GLN A 526 -29.29 -8.60 13.73
N HIS A 527 -28.18 -8.13 13.18
CA HIS A 527 -28.15 -7.24 12.02
C HIS A 527 -28.33 -8.02 10.72
N GLU A 528 -28.57 -7.28 9.65
CA GLU A 528 -28.84 -7.87 8.35
C GLU A 528 -27.67 -7.64 7.40
N ILE A 529 -27.26 -8.70 6.71
CA ILE A 529 -26.10 -8.66 5.83
C ILE A 529 -26.60 -8.70 4.40
N ARG A 530 -26.53 -7.56 3.73
CA ARG A 530 -26.79 -7.46 2.30
C ARG A 530 -25.47 -7.27 1.58
N LEU A 531 -25.18 -8.16 0.65
CA LEU A 531 -23.87 -8.25 0.00
C LEU A 531 -23.93 -7.58 -1.36
N PHE A 532 -23.70 -6.27 -1.38
CA PHE A 532 -23.50 -5.57 -2.64
C PHE A 532 -22.11 -5.90 -3.17
N PRO A 533 -21.98 -6.29 -4.43
CA PRO A 533 -20.75 -6.95 -4.87
C PRO A 533 -19.62 -5.99 -5.17
N ARG A 534 -18.40 -6.50 -5.03
CA ARG A 534 -17.22 -5.78 -5.50
C ARG A 534 -17.17 -5.77 -7.02
N TYR A 535 -16.39 -4.87 -7.57
CA TYR A 535 -16.32 -4.73 -9.01
C TYR A 535 -15.53 -5.91 -9.59
N PRO A 536 -15.99 -6.50 -10.71
CA PRO A 536 -15.30 -7.66 -11.27
C PRO A 536 -13.92 -7.34 -11.84
N GLN A 537 -12.94 -8.15 -11.48
CA GLN A 537 -11.58 -7.97 -11.96
C GLN A 537 -11.30 -8.87 -13.15
N SER A 542 -5.54 -1.29 -15.75
CA SER A 542 -5.43 -1.49 -14.31
C SER A 542 -6.41 -0.62 -13.57
N ALA A 543 -6.38 -0.72 -12.24
CA ALA A 543 -7.20 0.09 -11.36
C ALA A 543 -6.30 0.91 -10.47
N SER A 544 -6.54 2.21 -10.41
CA SER A 544 -5.73 3.11 -9.59
C SER A 544 -6.57 4.29 -9.17
N LEU A 545 -6.26 4.83 -7.99
CA LEU A 545 -6.93 6.01 -7.48
C LEU A 545 -5.90 6.88 -6.76
N THR A 546 -5.82 8.14 -7.14
CA THR A 546 -4.85 9.06 -6.59
C THR A 546 -5.56 10.19 -5.85
N LEU A 547 -5.21 10.38 -4.58
CA LEU A 547 -5.79 11.41 -3.74
C LEU A 547 -4.82 12.57 -3.61
N LEU A 548 -5.32 13.77 -3.85
CA LEU A 548 -4.51 14.97 -3.79
C LEU A 548 -4.84 15.77 -2.53
N PHE A 549 -3.78 16.32 -1.93
CA PHE A 549 -3.73 17.34 -0.88
C PHE A 549 -4.20 16.86 0.49
N ASN A 550 -4.98 15.77 0.53
CA ASN A 550 -5.61 15.28 1.75
C ASN A 550 -6.18 13.91 1.43
N MET A 551 -5.69 12.86 2.07
CA MET A 551 -6.30 11.56 1.82
C MET A 551 -7.41 11.24 2.80
N ARG A 552 -7.60 12.05 3.83
CA ARG A 552 -8.52 11.74 4.91
C ARG A 552 -9.97 11.79 4.47
N GLN A 553 -10.27 12.59 3.45
CA GLN A 553 -11.64 12.81 3.05
C GLN A 553 -11.68 13.06 1.55
N VAL A 554 -12.82 12.75 0.94
CA VAL A 554 -13.02 13.04 -0.47
C VAL A 554 -13.90 14.27 -0.58
N TRP A 555 -13.38 15.29 -1.23
CA TRP A 555 -14.08 16.56 -1.36
C TRP A 555 -15.25 16.42 -2.33
N ILE A 556 -16.35 17.09 -1.98
CA ILE A 556 -17.45 17.31 -2.91
C ILE A 556 -17.58 18.82 -3.05
N PRO A 557 -17.45 19.37 -4.25
CA PRO A 557 -17.35 20.83 -4.38
C PRO A 557 -18.72 21.49 -4.29
N ARG A 558 -18.77 22.55 -3.49
CA ARG A 558 -19.93 23.43 -3.43
C ARG A 558 -19.48 24.80 -3.94
N PHE A 559 -20.04 25.23 -5.06
CA PHE A 559 -19.51 26.31 -5.86
C PHE A 559 -20.09 27.67 -5.46
N LYS A 560 -19.31 28.72 -5.71
CA LYS A 560 -19.80 30.08 -5.69
C LYS A 560 -20.68 30.32 -6.91
N GLN A 561 -21.45 31.41 -6.86
CA GLN A 561 -22.35 31.70 -7.98
C GLN A 561 -21.59 32.21 -9.19
N LYS A 562 -20.69 33.16 -9.00
CA LYS A 562 -19.88 33.70 -10.08
C LYS A 562 -18.48 33.09 -9.98
N VAL A 563 -18.13 32.27 -10.97
CA VAL A 563 -16.87 31.55 -10.98
C VAL A 563 -16.07 31.97 -12.21
N ASP A 564 -14.79 31.59 -12.21
CA ASP A 564 -13.84 31.92 -13.26
C ASP A 564 -14.25 31.30 -14.58
N GLU A 565 -14.29 29.97 -14.64
CA GLU A 565 -14.66 29.26 -15.84
C GLU A 565 -15.67 28.17 -15.50
N GLN A 566 -16.29 27.62 -16.54
CA GLN A 566 -17.27 26.55 -16.37
C GLN A 566 -16.56 25.29 -15.92
N PRO A 567 -16.93 24.72 -14.77
CA PRO A 567 -16.26 23.53 -14.28
C PRO A 567 -16.65 22.30 -15.08
N LYS A 568 -15.70 21.37 -15.21
CA LYS A 568 -15.93 20.15 -15.98
C LYS A 568 -16.80 19.19 -15.17
N LEU A 569 -17.96 18.85 -15.71
CA LEU A 569 -18.90 17.95 -15.06
C LEU A 569 -18.56 16.48 -15.29
N SER A 570 -17.74 16.19 -16.30
CA SER A 570 -17.42 14.82 -16.67
C SER A 570 -16.42 14.15 -15.75
N ASN A 571 -15.81 14.90 -14.82
CA ASN A 571 -14.90 14.33 -13.83
C ASN A 571 -15.63 13.85 -12.59
N PHE A 572 -16.96 13.94 -12.57
CA PHE A 572 -17.78 13.49 -11.46
C PHE A 572 -18.32 12.09 -11.77
N SER A 573 -18.35 11.23 -10.76
CA SER A 573 -18.92 9.90 -10.88
C SER A 573 -20.24 9.87 -10.11
N TRP A 574 -21.34 9.71 -10.83
CA TRP A 574 -22.66 9.81 -10.22
C TRP A 574 -23.18 8.43 -9.83
N ASN A 575 -23.66 8.32 -8.59
CA ASN A 575 -24.37 7.13 -8.12
C ASN A 575 -25.86 7.48 -8.18
N GLU A 576 -26.48 7.19 -9.31
CA GLU A 576 -27.82 7.68 -9.55
C GLU A 576 -28.88 6.69 -9.07
N GLY A 577 -29.99 7.25 -8.60
CA GLY A 577 -31.13 6.47 -8.17
C GLY A 577 -31.08 5.98 -6.74
N CYS A 578 -30.44 6.73 -5.85
CA CYS A 578 -30.28 6.35 -4.46
C CYS A 578 -31.59 6.63 -3.73
N ASP A 579 -32.18 5.57 -3.18
CA ASP A 579 -33.46 5.68 -2.49
C ASP A 579 -33.42 5.20 -1.05
N GLY A 580 -32.24 5.01 -0.47
CA GLY A 580 -32.12 4.51 0.88
C GLY A 580 -32.02 3.01 0.98
N THR A 581 -32.12 2.28 -0.12
CA THR A 581 -32.00 0.83 -0.14
C THR A 581 -30.72 0.36 -0.81
N VAL A 582 -29.97 1.28 -1.42
CA VAL A 582 -28.64 1.00 -1.94
C VAL A 582 -27.64 1.90 -1.25
N PRO A 583 -26.35 1.52 -1.23
CA PRO A 583 -25.34 2.44 -0.68
C PRO A 583 -25.18 3.72 -1.49
N SER A 584 -25.32 4.86 -0.83
CA SER A 584 -25.22 6.16 -1.47
C SER A 584 -23.78 6.58 -1.70
N LEU A 585 -22.88 6.20 -0.81
CA LEU A 585 -21.47 6.53 -0.93
C LEU A 585 -20.64 5.26 -0.91
N ASN A 586 -19.39 5.39 -1.31
CA ASN A 586 -18.46 4.27 -1.29
C ASN A 586 -17.23 4.57 -0.45
N VAL A 587 -17.27 5.69 0.26
CA VAL A 587 -16.11 6.19 0.99
C VAL A 587 -16.43 6.15 2.48
N VAL A 588 -15.57 5.49 3.24
CA VAL A 588 -15.64 5.47 4.69
C VAL A 588 -14.43 6.23 5.21
N THR A 589 -14.68 7.34 5.88
CA THR A 589 -13.62 8.25 6.33
C THR A 589 -12.83 7.70 7.51
N GLN A 601 -23.87 0.81 9.76
CA GLN A 601 -22.59 0.17 9.50
C GLN A 601 -22.52 -0.34 8.08
N GLN A 602 -21.57 0.17 7.31
CA GLN A 602 -21.46 -0.18 5.90
C GLN A 602 -20.45 -1.29 5.61
N VAL A 603 -19.45 -1.43 6.46
CA VAL A 603 -18.34 -2.34 6.17
C VAL A 603 -18.69 -3.73 6.68
N ILE A 604 -18.59 -4.72 5.80
CA ILE A 604 -18.77 -6.11 6.19
C ILE A 604 -17.40 -6.77 6.18
N LEU A 605 -16.82 -6.93 7.36
CA LEU A 605 -15.46 -7.40 7.52
C LEU A 605 -15.32 -8.14 8.84
N TRP A 606 -14.60 -9.25 8.82
CA TRP A 606 -14.02 -9.80 10.05
C TRP A 606 -12.56 -10.01 9.77
N SER A 607 -11.71 -9.67 10.73
CA SER A 607 -10.28 -9.87 10.59
C SER A 607 -9.73 -10.43 11.88
N SER A 608 -8.71 -11.26 11.76
CA SER A 608 -7.97 -11.72 12.91
C SER A 608 -6.94 -10.71 13.39
N TYR A 609 -6.49 -9.81 12.51
CA TYR A 609 -5.42 -8.88 12.80
C TYR A 609 -6.00 -7.53 13.24
N ARG A 610 -5.70 -7.13 14.48
CA ARG A 610 -6.41 -6.03 15.11
C ARG A 610 -5.44 -5.09 15.82
N HIS A 611 -5.97 -3.94 16.23
CA HIS A 611 -5.23 -3.01 17.07
C HIS A 611 -6.18 -2.29 18.01
N VAL A 612 -5.77 -2.17 19.27
CA VAL A 612 -6.52 -1.47 20.31
C VAL A 612 -5.78 -0.18 20.63
N SER A 613 -6.52 0.92 20.75
CA SER A 613 -5.89 2.23 20.90
C SER A 613 -5.32 2.42 22.30
N ASN A 614 -6.02 1.95 23.33
CA ASN A 614 -5.53 2.14 24.68
C ASN A 614 -5.43 0.83 25.46
N SER A 615 -5.13 0.93 26.75
CA SER A 615 -5.01 -0.24 27.62
C SER A 615 -6.29 -0.50 28.40
N ASP A 616 -7.42 0.00 27.90
CA ASP A 616 -8.68 -0.10 28.61
C ASP A 616 -9.50 -1.23 28.01
N ARG A 617 -10.75 -1.35 28.46
CA ARG A 617 -11.69 -2.30 27.88
C ARG A 617 -11.95 -1.97 26.42
N PRO A 618 -12.15 -2.97 25.57
CA PRO A 618 -12.41 -2.71 24.15
C PRO A 618 -13.74 -2.03 23.91
N THR A 619 -13.71 -0.90 23.21
CA THR A 619 -14.92 -0.23 22.77
C THR A 619 -14.96 -0.26 21.26
N VAL A 620 -16.08 0.19 20.69
CA VAL A 620 -16.23 0.22 19.24
C VAL A 620 -15.47 1.40 18.63
N ASP A 621 -15.02 2.34 19.45
CA ASP A 621 -14.26 3.50 19.01
C ASP A 621 -12.77 3.33 19.21
N THR A 622 -12.31 2.17 19.70
CA THR A 622 -10.90 1.95 19.95
C THR A 622 -10.34 0.68 19.34
N VAL A 623 -11.10 -0.05 18.53
CA VAL A 623 -10.65 -1.31 17.94
C VAL A 623 -10.69 -1.19 16.43
N TYR A 624 -9.59 -1.57 15.78
CA TYR A 624 -9.41 -1.49 14.34
C TYR A 624 -9.32 -2.90 13.75
N TYR A 625 -9.87 -3.10 12.56
CA TYR A 625 -9.72 -4.35 11.83
C TYR A 625 -8.90 -4.13 10.57
N TYR A 626 -7.78 -4.84 10.46
CA TYR A 626 -6.97 -4.82 9.26
C TYR A 626 -7.63 -5.62 8.14
N SER A 627 -8.10 -4.93 7.12
CA SER A 627 -8.66 -5.57 5.93
C SER A 627 -7.60 -6.14 5.02
N THR A 628 -6.34 -5.80 5.21
CA THR A 628 -5.22 -6.34 4.45
C THR A 628 -3.95 -6.15 5.25
N LEU A 629 -2.89 -6.80 4.79
CA LEU A 629 -1.56 -6.62 5.35
C LEU A 629 -0.55 -6.20 4.29
N GLU A 630 -1.02 -5.83 3.10
CA GLU A 630 -0.14 -5.51 2.00
C GLU A 630 0.30 -4.06 1.99
N LEU A 631 -0.29 -3.21 2.82
CA LEU A 631 0.31 -1.89 2.99
C LEU A 631 1.57 -1.99 3.84
N LEU A 632 1.59 -2.95 4.76
CA LEU A 632 2.76 -3.22 5.57
C LEU A 632 3.81 -4.03 4.83
N PHE A 633 3.42 -5.10 4.16
CA PHE A 633 4.40 -6.03 3.62
C PHE A 633 4.63 -5.83 2.14
N GLY A 634 3.59 -5.47 1.40
CA GLY A 634 3.75 -5.19 -0.02
C GLY A 634 3.03 -6.19 -0.91
N THR A 635 2.82 -5.82 -2.17
CA THR A 635 2.34 -6.77 -3.15
C THR A 635 3.44 -7.67 -3.71
N ARG A 636 4.66 -7.57 -3.18
CA ARG A 636 5.69 -8.53 -3.50
C ARG A 636 5.58 -9.79 -2.66
N SER A 637 4.66 -9.80 -1.70
CA SER A 637 4.35 -10.96 -0.89
C SER A 637 3.70 -12.04 -1.75
N SER A 638 3.88 -13.28 -1.32
CA SER A 638 3.44 -14.45 -2.07
C SER A 638 1.98 -14.72 -1.79
N MET A 639 1.18 -14.89 -2.84
CA MET A 639 -0.22 -15.25 -2.70
C MET A 639 -0.52 -16.48 -3.54
N MET A 640 -0.96 -17.54 -2.87
CA MET A 640 -1.40 -18.79 -3.48
C MET A 640 -2.91 -18.85 -3.38
N GLN A 641 -3.50 -19.91 -3.93
CA GLN A 641 -4.94 -20.05 -3.91
C GLN A 641 -5.31 -21.51 -3.67
N THR A 642 -6.21 -21.75 -2.71
CA THR A 642 -6.58 -23.10 -2.30
C THR A 642 -8.08 -23.16 -2.00
N TYR A 643 -8.52 -24.29 -1.47
CA TYR A 643 -9.91 -24.56 -1.19
C TYR A 643 -10.18 -24.38 0.30
N ASN A 644 -11.42 -24.61 0.70
CA ASN A 644 -11.80 -24.54 2.10
C ASN A 644 -11.21 -25.71 2.89
N LEU A 645 -11.13 -25.53 4.20
CA LEU A 645 -10.63 -26.61 5.07
C LEU A 645 -11.58 -27.78 5.10
N HIS A 646 -12.88 -27.54 4.94
CA HIS A 646 -13.82 -28.65 4.88
C HIS A 646 -13.85 -29.31 3.50
N GLN A 647 -13.11 -28.78 2.53
CA GLN A 647 -12.90 -29.44 1.26
C GLN A 647 -11.55 -30.12 1.17
N LEU A 648 -10.63 -29.78 2.07
CA LEU A 648 -9.36 -30.48 2.21
C LEU A 648 -9.47 -31.63 3.20
N LEU A 649 -9.85 -31.34 4.44
CA LEU A 649 -10.31 -32.36 5.40
C LEU A 649 -11.79 -32.58 5.16
N SER A 650 -12.09 -33.40 4.16
CA SER A 650 -13.46 -33.59 3.70
C SER A 650 -14.14 -34.70 4.48
N LEU A 651 -15.46 -34.68 4.43
CA LEU A 651 -16.28 -35.72 5.05
C LEU A 651 -17.22 -36.31 4.01
N ILE B 71 0.50 -34.42 10.79
CA ILE B 71 -0.53 -35.41 11.09
C ILE B 71 -1.50 -35.51 9.91
N PHE B 72 -1.98 -34.36 9.45
CA PHE B 72 -2.82 -34.32 8.25
C PHE B 72 -2.04 -33.81 7.05
N ALA B 73 -0.73 -33.99 7.01
CA ALA B 73 0.06 -33.47 5.90
C ALA B 73 -0.16 -34.26 4.61
N LYS B 74 -0.21 -35.60 4.70
CA LYS B 74 -0.45 -36.40 3.51
C LYS B 74 -1.93 -36.45 3.14
N GLU B 75 -2.81 -36.13 4.10
CA GLU B 75 -4.24 -36.13 3.83
C GLU B 75 -4.69 -34.87 3.13
N ILE B 76 -4.35 -33.70 3.67
CA ILE B 76 -4.60 -32.42 2.99
C ILE B 76 -3.80 -32.32 1.70
N ASP B 77 -2.50 -32.58 1.80
CA ASP B 77 -1.56 -32.65 0.67
C ASP B 77 -1.57 -31.35 -0.12
N LEU B 78 -1.42 -30.27 0.62
CA LEU B 78 -1.54 -28.91 0.10
C LEU B 78 -0.52 -28.51 -0.97
N PRO B 79 0.74 -29.02 -0.98
CA PRO B 79 1.55 -28.82 -2.20
C PRO B 79 1.00 -29.47 -3.46
N ARG B 80 0.07 -30.42 -3.36
CA ARG B 80 -0.62 -30.94 -4.54
C ARG B 80 -2.06 -30.48 -4.64
N ASN B 81 -2.47 -29.49 -3.84
CA ASN B 81 -3.83 -29.00 -3.88
C ASN B 81 -3.91 -27.48 -3.78
N VAL B 82 -3.04 -26.76 -4.50
CA VAL B 82 -3.06 -25.32 -4.55
C VAL B 82 -3.10 -24.85 -5.99
N ILE B 83 -3.42 -23.57 -6.16
CA ILE B 83 -3.23 -22.84 -7.40
C ILE B 83 -2.12 -21.82 -7.15
N GLN B 84 -1.12 -21.82 -8.01
CA GLN B 84 -0.01 -20.88 -7.89
C GLN B 84 0.14 -20.12 -9.21
N HIS B 85 0.35 -18.81 -9.09
CA HIS B 85 0.66 -17.99 -10.24
C HIS B 85 1.53 -16.83 -9.78
N SER B 86 2.65 -16.64 -10.45
CA SER B 86 3.66 -15.68 -10.01
C SER B 86 3.48 -14.29 -10.64
N GLY B 87 2.41 -14.08 -11.39
CA GLY B 87 2.16 -12.80 -12.01
C GLY B 87 2.57 -12.75 -13.47
N ASN B 88 2.10 -11.71 -14.15
CA ASN B 88 2.42 -11.51 -15.55
C ASN B 88 3.72 -10.72 -15.68
N LYS B 89 4.18 -10.55 -16.93
CA LYS B 89 5.40 -9.82 -17.19
C LYS B 89 5.16 -8.33 -17.14
N PHE B 90 6.03 -7.61 -16.45
CA PHE B 90 5.87 -6.18 -16.27
C PHE B 90 7.26 -5.57 -16.20
N ILE B 91 7.54 -4.63 -17.10
CA ILE B 91 8.83 -3.95 -17.13
C ILE B 91 8.68 -2.58 -16.50
N LEU B 92 9.50 -2.31 -15.48
CA LEU B 92 9.47 -1.04 -14.76
C LEU B 92 10.71 -0.23 -15.15
N ASP B 93 10.48 0.91 -15.79
CA ASP B 93 11.56 1.73 -16.34
C ASP B 93 12.07 2.71 -15.30
N VAL B 94 13.39 2.86 -15.24
CA VAL B 94 14.04 3.79 -14.34
C VAL B 94 14.76 4.84 -15.18
N VAL B 95 14.44 6.11 -14.96
CA VAL B 95 15.07 7.22 -15.67
C VAL B 95 15.74 8.13 -14.67
N PRO B 96 17.07 8.09 -14.54
CA PRO B 96 17.75 8.93 -13.55
C PRO B 96 17.77 10.41 -13.88
N ASP B 97 17.58 11.21 -12.84
CA ASP B 97 17.79 12.67 -12.90
C ASP B 97 19.30 12.89 -12.94
N SER B 98 19.80 13.32 -14.09
CA SER B 98 21.24 13.36 -14.30
C SER B 98 21.89 14.62 -13.73
N ARG B 99 21.13 15.51 -13.10
CA ARG B 99 21.70 16.71 -12.49
C ARG B 99 22.63 16.34 -11.34
N PHE B 100 22.28 15.28 -10.63
CA PHE B 100 23.03 14.87 -9.44
C PHE B 100 24.33 14.13 -9.77
N PRO B 101 24.37 13.17 -10.71
CA PRO B 101 25.70 12.69 -11.12
C PRO B 101 26.52 13.73 -11.86
N THR B 102 25.89 14.68 -12.56
CA THR B 102 26.64 15.77 -13.18
C THR B 102 27.30 16.66 -12.13
N PHE B 103 26.57 16.95 -11.05
CA PHE B 103 27.11 17.68 -9.91
C PHE B 103 28.31 16.96 -9.30
N ALA B 104 28.18 15.65 -9.07
CA ALA B 104 29.27 14.85 -8.52
C ALA B 104 30.47 14.76 -9.48
N ILE B 105 30.23 14.67 -10.78
CA ILE B 105 31.30 14.61 -11.77
C ILE B 105 32.04 15.95 -11.87
N THR B 106 31.30 17.06 -11.78
CA THR B 106 31.93 18.37 -11.81
C THR B 106 32.79 18.57 -10.57
N GLU B 107 32.34 18.11 -9.42
CA GLU B 107 33.17 18.23 -8.23
C GLU B 107 34.35 17.25 -8.24
N PHE B 108 34.20 16.10 -8.90
CA PHE B 108 35.31 15.19 -9.16
C PHE B 108 36.39 15.84 -10.02
N VAL B 109 35.98 16.55 -11.07
CA VAL B 109 36.95 17.15 -11.98
C VAL B 109 37.61 18.37 -11.34
N GLN B 110 36.87 19.05 -10.46
CA GLN B 110 37.42 20.18 -9.70
C GLN B 110 38.58 19.77 -8.82
N ARG B 111 38.51 18.60 -8.20
CA ARG B 111 39.50 18.18 -7.24
C ARG B 111 40.61 17.36 -7.84
N SER B 112 40.62 17.15 -9.14
CA SER B 112 41.59 16.23 -9.71
C SER B 112 42.24 16.72 -11.00
N PHE B 113 41.76 17.83 -11.57
CA PHE B 113 42.20 18.18 -12.92
C PHE B 113 43.62 18.75 -12.94
N SER B 114 44.07 19.34 -11.84
CA SER B 114 45.41 19.93 -11.82
C SER B 114 46.51 18.89 -11.79
N ASN B 115 46.18 17.63 -11.51
CA ASN B 115 47.17 16.55 -11.52
C ASN B 115 47.35 15.94 -12.89
N PHE B 116 46.78 16.53 -13.93
CA PHE B 116 46.70 15.91 -15.25
C PHE B 116 47.58 16.66 -16.24
N THR B 117 48.06 15.93 -17.22
CA THR B 117 48.82 16.51 -18.33
C THR B 117 47.95 16.38 -19.58
N PHE B 118 47.52 17.50 -20.12
CA PHE B 118 46.65 17.55 -21.29
C PHE B 118 47.33 18.13 -22.52
N GLU B 119 48.67 18.15 -22.56
CA GLU B 119 49.36 18.82 -23.66
C GLU B 119 49.28 18.06 -24.97
N GLN B 120 49.11 16.75 -24.93
CA GLN B 120 49.04 15.93 -26.13
C GLN B 120 47.64 15.82 -26.70
N TYR B 121 46.72 16.67 -26.26
CA TYR B 121 45.32 16.61 -26.65
C TYR B 121 44.83 18.01 -26.96
N SER B 122 44.09 18.14 -28.06
CA SER B 122 43.52 19.43 -28.44
C SER B 122 42.09 19.60 -28.01
N TYR B 123 41.45 18.56 -27.46
CA TYR B 123 40.07 18.65 -27.03
C TYR B 123 39.89 18.56 -25.53
N VAL B 124 40.91 18.17 -24.77
CA VAL B 124 40.75 17.91 -23.36
C VAL B 124 40.78 19.21 -22.56
N SER B 125 39.72 19.43 -21.78
CA SER B 125 39.58 20.54 -20.85
C SER B 125 38.72 19.97 -19.71
N PRO B 126 38.49 20.70 -18.60
CA PRO B 126 37.52 20.19 -17.61
C PRO B 126 36.10 20.06 -18.13
N ALA B 127 35.64 21.00 -18.97
CA ALA B 127 34.32 20.93 -19.58
C ALA B 127 34.16 19.68 -20.43
N SER B 128 35.18 19.35 -21.22
CA SER B 128 35.13 18.17 -22.06
C SER B 128 35.13 16.88 -21.24
N LEU B 129 35.86 16.86 -20.13
CA LEU B 129 35.91 15.67 -19.30
C LEU B 129 34.59 15.41 -18.58
N VAL B 130 33.95 16.50 -18.10
CA VAL B 130 32.62 16.37 -17.51
C VAL B 130 31.60 15.93 -18.56
N GLY B 131 31.69 16.48 -19.76
CA GLY B 131 30.81 16.06 -20.84
C GLY B 131 31.00 14.62 -21.24
N TYR B 132 32.25 14.14 -21.18
CA TYR B 132 32.55 12.74 -21.46
C TYR B 132 31.93 11.82 -20.42
N LEU B 133 32.02 12.17 -19.15
CA LEU B 133 31.46 11.29 -18.12
C LEU B 133 29.93 11.27 -18.12
N VAL B 134 29.29 12.42 -18.38
CA VAL B 134 27.84 12.47 -18.52
C VAL B 134 27.39 11.71 -19.77
N TYR B 135 28.16 11.84 -20.85
CA TYR B 135 27.97 11.07 -22.06
C TYR B 135 28.02 9.57 -21.80
N MET B 136 28.96 9.11 -20.98
CA MET B 136 29.06 7.68 -20.74
C MET B 136 27.96 7.16 -19.82
N ILE B 137 27.40 8.01 -18.97
CA ILE B 137 26.15 7.65 -18.28
C ILE B 137 25.02 7.38 -19.26
N HIS B 138 24.79 8.31 -20.20
CA HIS B 138 23.73 8.08 -21.18
C HIS B 138 24.02 6.92 -22.13
N ALA B 139 25.30 6.67 -22.39
CA ALA B 139 25.72 5.54 -23.20
C ALA B 139 25.44 4.22 -22.48
N PHE B 140 25.66 4.17 -21.17
CA PHE B 140 25.27 3.01 -20.37
C PHE B 140 23.78 2.75 -20.47
N VAL B 141 22.98 3.81 -20.43
CA VAL B 141 21.52 3.64 -20.51
C VAL B 141 21.12 3.08 -21.87
N PHE B 142 21.74 3.58 -22.95
CA PHE B 142 21.44 3.04 -24.28
C PHE B 142 21.87 1.59 -24.41
N LEU B 143 23.01 1.22 -23.84
CA LEU B 143 23.45 -0.17 -23.95
C LEU B 143 22.57 -1.12 -23.18
N VAL B 144 22.08 -0.71 -22.00
CA VAL B 144 21.14 -1.55 -21.25
C VAL B 144 19.81 -1.66 -21.99
N ASP B 145 19.32 -0.57 -22.57
CA ASP B 145 18.03 -0.63 -23.25
C ASP B 145 18.12 -1.38 -24.58
N ALA B 146 19.28 -1.36 -25.24
CA ALA B 146 19.39 -2.00 -26.54
C ALA B 146 19.85 -3.44 -26.48
N PHE B 147 20.65 -3.82 -25.50
CA PHE B 147 21.21 -5.16 -25.45
C PHE B 147 20.68 -6.02 -24.31
N GLU B 148 19.96 -5.44 -23.35
CA GLU B 148 19.48 -6.20 -22.20
C GLU B 148 17.97 -6.14 -21.99
N ARG B 149 17.29 -5.09 -22.42
CA ARG B 149 15.85 -5.03 -22.26
C ARG B 149 15.17 -5.87 -23.33
N SER B 150 14.18 -6.67 -22.91
CA SER B 150 13.42 -7.52 -23.82
C SER B 150 11.96 -7.13 -23.76
N PRO B 151 11.43 -6.46 -24.81
CA PRO B 151 12.16 -5.98 -25.99
C PRO B 151 12.70 -4.58 -25.80
N MET B 152 13.56 -4.15 -26.72
CA MET B 152 14.15 -2.82 -26.65
C MET B 152 13.09 -1.77 -26.97
N SER B 153 13.29 -0.57 -26.43
CA SER B 153 12.30 0.49 -26.56
C SER B 153 12.26 1.02 -27.99
N ALA B 154 11.19 1.73 -28.31
CA ALA B 154 11.00 2.27 -29.64
C ALA B 154 11.98 3.39 -29.95
N TYR B 155 12.54 4.04 -28.92
CA TYR B 155 13.59 5.01 -29.15
C TYR B 155 14.89 4.36 -29.56
N ALA B 156 15.23 3.22 -28.98
CA ALA B 156 16.46 2.54 -29.35
C ALA B 156 16.32 1.74 -30.65
N SER B 157 15.10 1.41 -31.04
CA SER B 157 14.89 0.72 -32.31
C SER B 157 15.05 1.66 -33.50
N GLU B 158 14.93 2.97 -33.29
CA GLU B 158 15.11 3.94 -34.35
C GLU B 158 16.58 4.17 -34.70
N ILE B 159 17.51 3.72 -33.88
CA ILE B 159 18.91 3.85 -34.20
C ILE B 159 19.33 2.67 -35.08
N ASP B 160 19.74 2.98 -36.30
CA ASP B 160 20.02 2.00 -37.34
C ASP B 160 21.28 1.23 -37.00
N ALA B 161 21.35 -0.02 -37.44
CA ALA B 161 22.58 -0.79 -37.28
C ALA B 161 23.44 -0.69 -38.54
N SER B 162 23.71 0.52 -38.99
CA SER B 162 24.62 0.76 -40.10
C SER B 162 26.04 0.93 -39.56
N HIS B 163 27.01 1.03 -40.46
CA HIS B 163 28.40 0.95 -40.05
C HIS B 163 28.87 2.18 -39.28
N ALA B 164 28.29 3.36 -39.57
CA ALA B 164 28.66 4.55 -38.82
C ALA B 164 28.15 4.50 -37.38
N TYR B 165 26.87 4.13 -37.21
CA TYR B 165 26.31 3.93 -35.89
C TYR B 165 27.01 2.82 -35.13
N LEU B 166 27.34 1.71 -35.80
CA LEU B 166 28.07 0.65 -35.14
C LEU B 166 29.48 1.06 -34.78
N ARG B 167 30.10 1.95 -35.54
CA ARG B 167 31.41 2.46 -35.16
C ARG B 167 31.32 3.31 -33.90
N ILE B 168 30.29 4.14 -33.76
CA ILE B 168 30.16 4.95 -32.55
C ILE B 168 29.76 4.09 -31.35
N ILE B 169 28.91 3.08 -31.56
CA ILE B 169 28.51 2.19 -30.48
C ILE B 169 29.69 1.33 -30.02
N ASP B 170 30.55 0.91 -30.95
CA ASP B 170 31.77 0.23 -30.56
C ASP B 170 32.77 1.17 -29.90
N ALA B 171 32.68 2.47 -30.21
CA ALA B 171 33.57 3.44 -29.57
C ALA B 171 33.19 3.63 -28.10
N PHE B 172 31.91 3.87 -27.81
CA PHE B 172 31.58 4.01 -26.40
C PHE B 172 31.28 2.68 -25.70
N SER B 173 31.36 1.56 -26.39
CA SER B 173 31.32 0.28 -25.70
C SER B 173 32.68 -0.14 -25.20
N ASP B 174 33.75 0.40 -25.76
CA ASP B 174 35.12 0.06 -25.37
C ASP B 174 35.87 1.27 -24.83
N ALA B 175 35.18 2.38 -24.60
CA ALA B 175 35.78 3.57 -24.03
C ALA B 175 36.09 3.36 -22.56
N TYR B 176 37.22 3.88 -22.11
CA TYR B 176 37.68 3.65 -20.75
C TYR B 176 37.00 4.64 -19.81
N ILE B 177 36.52 4.13 -18.68
CA ILE B 177 35.78 4.92 -17.70
C ILE B 177 36.48 4.83 -16.34
N PRO B 178 36.64 5.94 -15.63
CA PRO B 178 37.25 5.90 -14.30
C PRO B 178 36.40 5.15 -13.30
N ASP B 179 37.03 4.81 -12.17
CA ASP B 179 36.38 4.00 -11.15
C ASP B 179 35.34 4.78 -10.37
N PHE B 180 35.36 6.11 -10.44
CA PHE B 180 34.37 6.92 -9.76
C PHE B 180 33.00 6.77 -10.40
N LEU B 181 32.94 6.70 -11.72
CA LEU B 181 31.66 6.70 -12.41
C LEU B 181 30.94 5.37 -12.25
N PHE B 182 31.67 4.29 -11.98
CA PHE B 182 31.02 3.03 -11.70
C PHE B 182 30.34 3.00 -10.34
N GLU B 183 30.71 3.89 -9.42
CA GLU B 183 29.97 4.02 -8.17
C GLU B 183 28.55 4.51 -8.42
N ILE B 184 28.38 5.35 -9.45
CA ILE B 184 27.06 5.77 -9.87
C ILE B 184 26.40 4.70 -10.72
N LEU B 185 27.14 4.11 -11.66
CA LEU B 185 26.58 3.18 -12.63
C LEU B 185 26.22 1.82 -12.03
N ASP B 186 26.77 1.47 -10.87
CA ASP B 186 26.38 0.23 -10.20
C ASP B 186 24.99 0.31 -9.59
N THR B 187 24.43 1.50 -9.48
CA THR B 187 23.05 1.64 -9.02
C THR B 187 22.05 1.52 -10.16
N TYR B 188 22.52 1.47 -11.41
CA TYR B 188 21.63 1.38 -12.55
C TYR B 188 21.56 -0.04 -13.11
N LEU B 189 22.04 -1.01 -12.35
CA LEU B 189 21.99 -2.39 -12.78
C LEU B 189 20.56 -2.91 -12.71
N SER B 190 20.26 -3.88 -13.56
CA SER B 190 18.92 -4.42 -13.66
C SER B 190 18.60 -5.27 -12.45
N HIS B 191 17.32 -5.48 -12.22
CA HIS B 191 16.87 -6.26 -11.07
C HIS B 191 15.52 -6.90 -11.36
N ARG B 192 15.36 -8.12 -10.88
CA ARG B 192 14.12 -8.87 -10.98
C ARG B 192 13.76 -9.39 -9.60
N LEU B 193 12.51 -9.22 -9.21
CA LEU B 193 12.11 -9.59 -7.86
C LEU B 193 12.04 -11.10 -7.71
N ASP B 194 12.09 -11.55 -6.45
CA ASP B 194 12.14 -12.98 -6.17
C ASP B 194 10.78 -13.65 -6.35
N ILE B 195 9.79 -13.22 -5.57
CA ILE B 195 8.46 -13.78 -5.69
C ILE B 195 7.70 -13.24 -6.89
N ARG B 196 7.74 -11.93 -7.12
CA ARG B 196 7.30 -11.36 -8.40
C ARG B 196 8.38 -11.58 -9.45
N SER B 197 8.43 -12.82 -9.93
CA SER B 197 9.54 -13.26 -10.77
C SER B 197 9.41 -12.79 -12.21
N LYS B 198 8.38 -12.03 -12.55
CA LYS B 198 8.26 -11.44 -13.87
C LYS B 198 8.13 -9.93 -13.82
N LEU B 199 8.47 -9.31 -12.70
CA LEU B 199 8.61 -7.86 -12.63
C LEU B 199 10.09 -7.51 -12.73
N GLU B 200 10.43 -6.69 -13.71
CA GLU B 200 11.80 -6.31 -14.00
C GLU B 200 11.98 -4.81 -13.86
N MET B 201 13.09 -4.41 -13.27
CA MET B 201 13.49 -3.01 -13.19
C MET B 201 14.75 -2.82 -14.00
N ASN B 202 14.72 -1.94 -14.99
CA ASN B 202 15.89 -1.65 -15.78
C ASN B 202 15.86 -0.20 -16.24
N VAL B 203 17.02 0.32 -16.58
CA VAL B 203 17.17 1.73 -16.93
C VAL B 203 17.01 1.87 -18.43
N SER B 204 16.09 2.75 -18.84
CA SER B 204 15.88 3.05 -20.25
C SER B 204 15.22 4.42 -20.38
N TYR B 205 15.59 5.15 -21.43
CA TYR B 205 14.93 6.40 -21.74
C TYR B 205 13.77 6.24 -22.72
N GLY B 206 13.15 5.06 -22.75
CA GLY B 206 12.05 4.83 -23.66
C GLY B 206 10.76 5.51 -23.28
N SER B 207 10.69 6.06 -22.07
CA SER B 207 9.53 6.78 -21.58
C SER B 207 9.69 8.28 -21.65
N VAL B 208 10.78 8.78 -22.22
CA VAL B 208 11.16 10.17 -22.06
C VAL B 208 10.43 11.03 -23.08
N LEU B 209 9.69 12.02 -22.59
CA LEU B 209 9.15 13.11 -23.40
C LEU B 209 9.95 14.36 -23.07
N TYR B 210 10.04 15.28 -24.03
CA TYR B 210 10.97 16.39 -23.86
C TYR B 210 10.42 17.43 -22.90
N LYS B 211 9.15 17.77 -23.01
CA LYS B 211 8.51 18.74 -22.13
C LYS B 211 8.26 18.19 -20.72
N TYR B 212 8.49 16.92 -20.50
CA TYR B 212 8.43 16.31 -19.17
C TYR B 212 9.79 16.05 -18.56
N ASP B 213 10.83 15.84 -19.35
CA ASP B 213 12.07 15.32 -18.83
C ASP B 213 13.32 16.08 -19.28
N ALA B 214 13.18 17.14 -20.06
CA ALA B 214 14.30 17.84 -20.70
C ALA B 214 15.35 18.45 -19.77
N PRO B 215 15.01 19.18 -18.68
CA PRO B 215 16.09 19.70 -17.84
C PRO B 215 16.63 18.71 -16.83
N ARG B 216 15.92 17.62 -16.58
CA ARG B 216 16.38 16.62 -15.63
C ARG B 216 17.27 15.59 -16.29
N ILE B 217 17.45 15.68 -17.60
CA ILE B 217 18.35 14.81 -18.34
C ILE B 217 19.40 15.71 -18.97
N VAL B 218 20.60 15.71 -18.40
CA VAL B 218 21.62 16.69 -18.74
C VAL B 218 22.24 16.33 -20.08
N ALA B 219 22.06 17.19 -21.06
CA ALA B 219 22.63 16.98 -22.39
C ALA B 219 24.13 17.17 -22.36
N PRO B 220 24.91 16.26 -22.94
CA PRO B 220 26.37 16.43 -22.94
C PRO B 220 26.87 17.48 -23.90
N SER B 221 26.02 18.01 -24.78
CA SER B 221 26.44 19.04 -25.71
C SER B 221 26.55 20.41 -25.06
N ILE B 222 26.02 20.56 -23.86
CA ILE B 222 26.21 21.78 -23.08
C ILE B 222 27.68 21.96 -22.73
N PHE B 223 28.37 20.86 -22.45
CA PHE B 223 29.75 20.93 -22.02
C PHE B 223 30.73 21.12 -23.16
N LEU B 224 30.34 20.78 -24.39
CA LEU B 224 31.15 21.15 -25.55
C LEU B 224 31.14 22.67 -25.75
N LEU B 225 29.97 23.28 -25.54
CA LEU B 225 29.86 24.73 -25.58
C LEU B 225 30.63 25.39 -24.43
N ALA B 226 30.63 24.74 -23.27
CA ALA B 226 31.46 25.21 -22.16
C ALA B 226 32.93 25.09 -22.46
N HIS B 227 33.33 24.06 -23.23
CA HIS B 227 34.69 23.95 -23.71
C HIS B 227 35.03 25.08 -24.67
N ASN B 228 34.08 25.47 -25.51
CA ASN B 228 34.30 26.56 -26.44
C ASN B 228 34.48 27.90 -25.72
N GLN B 229 33.73 28.10 -24.64
CA GLN B 229 33.85 29.34 -23.88
C GLN B 229 35.02 29.33 -22.91
N LEU B 230 35.51 28.17 -22.51
CA LEU B 230 36.62 28.11 -21.57
C LEU B 230 37.94 28.48 -22.23
N ILE B 231 38.04 28.35 -23.56
CA ILE B 231 39.26 28.64 -24.29
C ILE B 231 39.48 30.12 -24.52
N SER B 232 38.41 30.89 -24.72
CA SER B 232 38.46 32.21 -25.36
C SER B 232 39.27 33.22 -24.57
N GLN B 233 40.05 34.02 -25.30
CA GLN B 233 41.00 34.96 -24.71
C GLN B 233 40.30 36.28 -24.40
N SER B 234 39.41 36.21 -23.42
CA SER B 234 38.64 37.36 -22.97
C SER B 234 39.00 37.67 -21.52
N ARG B 235 39.04 38.96 -21.21
CA ARG B 235 39.36 39.41 -19.86
C ARG B 235 38.15 40.07 -19.21
N GLU B 236 36.97 39.53 -19.47
CA GLU B 236 35.73 40.04 -18.89
C GLU B 236 35.49 39.38 -17.55
N SER B 237 34.61 40.01 -16.76
CA SER B 237 34.39 39.63 -15.36
C SER B 237 33.69 38.29 -15.23
N THR B 238 32.46 38.19 -15.74
CA THR B 238 31.69 36.96 -15.71
C THR B 238 31.63 36.43 -17.14
N ALA B 239 32.54 35.51 -17.46
CA ALA B 239 32.69 35.01 -18.82
C ALA B 239 31.83 33.81 -19.11
N TYR B 240 31.11 33.28 -18.13
CA TYR B 240 30.22 32.16 -18.33
C TYR B 240 28.87 32.57 -18.91
N GLU B 241 28.63 33.86 -19.10
CA GLU B 241 27.33 34.33 -19.56
C GLU B 241 27.16 34.22 -21.06
N LYS B 242 28.25 34.13 -21.83
CA LYS B 242 28.15 33.80 -23.24
C LYS B 242 27.87 32.32 -23.43
N TRP B 243 28.29 31.51 -22.47
CA TRP B 243 27.93 30.10 -22.44
C TRP B 243 26.45 29.91 -22.15
N LEU B 244 25.88 30.74 -21.29
CA LEU B 244 24.45 30.66 -21.01
C LEU B 244 23.60 31.12 -22.18
N ASP B 245 24.18 31.84 -23.14
CA ASP B 245 23.49 32.26 -24.35
C ASP B 245 23.42 31.19 -25.41
N SER B 246 24.29 30.18 -25.31
CA SER B 246 24.48 29.22 -26.39
C SER B 246 23.25 28.36 -26.57
N ILE B 247 22.80 28.26 -27.82
CA ILE B 247 21.61 27.51 -28.17
C ILE B 247 21.96 26.03 -28.17
N VAL B 248 21.16 25.23 -27.47
CA VAL B 248 21.38 23.79 -27.44
C VAL B 248 20.56 23.08 -28.51
N ILE B 249 19.27 23.39 -28.62
CA ILE B 249 18.36 22.65 -29.48
C ILE B 249 17.26 23.59 -29.91
N HIS B 250 16.61 23.26 -31.02
CA HIS B 250 15.38 23.91 -31.45
C HIS B 250 14.24 22.91 -31.28
N TYR B 251 13.34 23.19 -30.36
CA TYR B 251 12.26 22.23 -30.17
C TYR B 251 10.97 22.78 -30.72
N SER B 252 10.85 22.60 -32.02
CA SER B 252 9.76 22.81 -32.99
C SER B 252 9.55 24.25 -33.42
N ARG B 253 9.67 25.20 -32.51
CA ARG B 253 9.58 26.63 -32.81
C ARG B 253 10.43 27.44 -31.83
N ALA B 254 11.16 26.74 -30.97
CA ALA B 254 11.58 27.32 -29.70
C ALA B 254 13.08 27.20 -29.54
N VAL B 255 13.72 28.32 -29.28
CA VAL B 255 15.16 28.36 -29.06
C VAL B 255 15.43 28.07 -27.60
N ILE B 256 15.98 26.90 -27.31
CA ILE B 256 16.27 26.48 -25.95
C ILE B 256 17.77 26.60 -25.74
N ARG B 257 18.15 27.39 -24.75
CA ARG B 257 19.54 27.76 -24.52
C ARG B 257 20.07 27.01 -23.32
N VAL B 258 21.33 27.27 -22.99
CA VAL B 258 21.92 26.70 -21.77
C VAL B 258 21.29 27.33 -20.54
N GLY B 259 20.93 28.60 -20.59
CA GLY B 259 20.25 29.25 -19.49
C GLY B 259 18.84 28.76 -19.25
N ASN B 260 18.23 28.11 -20.25
CA ASN B 260 16.93 27.49 -20.03
C ASN B 260 17.08 26.14 -19.36
N LEU B 261 18.19 25.44 -19.61
CA LEU B 261 18.34 24.08 -19.10
C LEU B 261 19.10 24.03 -17.79
N VAL B 262 19.90 25.05 -17.49
CA VAL B 262 20.68 25.11 -16.25
C VAL B 262 20.06 26.11 -15.28
N GLY B 263 19.29 27.07 -15.77
CA GLY B 263 18.55 27.98 -14.91
C GLY B 263 19.39 29.11 -14.39
N GLY B 264 20.30 29.64 -15.21
CA GLY B 264 21.22 30.64 -14.75
C GLY B 264 21.13 31.96 -15.49
N LEU B 265 20.12 32.11 -16.34
CA LEU B 265 20.01 33.31 -17.15
C LEU B 265 18.56 33.48 -17.56
N TYR B 266 17.94 34.55 -17.09
CA TYR B 266 16.54 34.83 -17.42
C TYR B 266 16.46 36.30 -17.83
N GLN B 267 15.25 36.74 -18.16
CA GLN B 267 15.04 38.15 -18.48
C GLN B 267 13.64 38.55 -18.06
N SER B 268 13.47 39.84 -17.77
CA SER B 268 12.19 40.39 -17.41
C SER B 268 12.12 41.86 -17.81
N THR B 275 16.40 43.31 -20.49
CA THR B 275 17.48 43.20 -19.53
C THR B 275 17.63 41.77 -19.05
N HIS B 276 18.85 41.25 -19.11
CA HIS B 276 19.15 39.88 -18.71
C HIS B 276 19.67 39.87 -17.28
N PHE B 277 19.35 38.81 -16.56
CA PHE B 277 19.76 38.64 -15.17
C PHE B 277 20.35 37.24 -14.99
N THR B 278 21.24 37.11 -14.03
CA THR B 278 21.90 35.84 -13.74
C THR B 278 21.51 35.38 -12.34
N TYR B 279 20.90 34.20 -12.26
CA TYR B 279 20.61 33.58 -10.98
C TYR B 279 21.53 32.38 -10.79
N ARG B 280 22.17 32.31 -9.63
CA ARG B 280 23.22 31.33 -9.39
C ARG B 280 22.69 30.31 -8.40
N ASN B 281 21.99 29.30 -8.91
CA ASN B 281 21.55 28.20 -8.08
C ASN B 281 22.64 27.14 -7.97
N TRP B 282 22.37 26.10 -7.18
CA TRP B 282 23.39 25.11 -6.83
C TRP B 282 23.91 24.32 -8.03
N PHE B 283 23.11 24.22 -9.09
CA PHE B 283 23.55 23.50 -10.27
C PHE B 283 24.35 24.40 -11.20
N ALA B 284 23.90 25.65 -11.37
CA ALA B 284 24.64 26.58 -12.22
C ALA B 284 25.92 27.08 -11.55
N ARG B 285 25.95 27.19 -10.22
CA ARG B 285 27.18 27.54 -9.53
C ARG B 285 28.25 26.48 -9.71
N SER B 286 27.84 25.22 -9.80
CA SER B 286 28.80 24.16 -10.03
C SER B 286 29.24 24.13 -11.48
N LEU B 287 28.30 24.30 -12.41
CA LEU B 287 28.66 24.20 -13.82
C LEU B 287 29.30 25.47 -14.37
N SER B 288 29.24 26.60 -13.67
CA SER B 288 29.80 27.84 -14.19
C SER B 288 31.32 27.84 -14.15
N ARG B 289 31.91 26.99 -13.32
CA ARG B 289 33.36 26.91 -13.23
C ARG B 289 33.97 26.28 -14.47
N LEU B 290 33.18 25.54 -15.24
CA LEU B 290 33.68 24.87 -16.44
C LEU B 290 33.72 25.79 -17.65
N ALA B 291 32.98 26.89 -17.61
CA ALA B 291 32.86 27.77 -18.78
C ALA B 291 33.36 29.17 -18.52
N ASP B 292 34.13 29.39 -17.46
CA ASP B 292 34.64 30.70 -17.12
C ASP B 292 36.06 30.85 -17.67
N SER B 293 36.24 31.82 -18.56
CA SER B 293 37.50 31.98 -19.26
C SER B 293 38.48 32.88 -18.52
N ALA B 294 38.31 33.08 -17.22
CA ALA B 294 39.30 33.77 -16.42
C ALA B 294 40.56 32.96 -16.21
N THR B 295 40.48 31.65 -16.38
CA THR B 295 41.62 30.76 -16.30
C THR B 295 42.00 30.17 -17.65
N HIS B 296 41.82 30.93 -18.73
CA HIS B 296 42.07 30.40 -20.07
C HIS B 296 43.56 30.23 -20.36
N ARG B 297 44.43 30.89 -19.62
CA ARG B 297 45.87 30.75 -19.85
C ARG B 297 46.38 29.39 -19.42
N THR B 298 45.69 28.74 -18.49
CA THR B 298 46.05 27.38 -18.10
C THR B 298 45.73 26.40 -19.21
N HIS B 299 44.62 26.62 -19.90
CA HIS B 299 44.12 25.67 -20.88
C HIS B 299 44.69 25.89 -22.27
N LEU B 300 45.32 27.05 -22.51
CA LEU B 300 46.01 27.33 -23.76
C LEU B 300 47.48 26.98 -23.71
N ARG B 301 47.95 26.40 -22.61
CA ARG B 301 49.36 26.01 -22.49
C ARG B 301 49.54 24.61 -23.07
N ARG B 302 49.44 24.55 -24.39
CA ARG B 302 49.53 23.31 -25.14
C ARG B 302 49.93 23.67 -26.56
N PRO B 303 50.50 22.74 -27.32
CA PRO B 303 50.87 23.08 -28.72
C PRO B 303 49.69 23.33 -29.64
N MET B 304 48.71 22.44 -29.67
CA MET B 304 47.60 22.51 -30.61
C MET B 304 46.29 22.44 -29.85
N ILE B 305 45.35 23.32 -30.18
CA ILE B 305 44.04 23.33 -29.56
C ILE B 305 42.99 23.46 -30.66
N SER B 306 41.81 22.89 -30.40
CA SER B 306 40.71 22.90 -31.34
C SER B 306 39.41 23.12 -30.58
N GLU B 307 38.38 23.54 -31.30
CA GLU B 307 37.05 23.75 -30.75
C GLU B 307 36.07 22.75 -31.32
N PHE B 308 35.04 22.42 -30.54
CA PHE B 308 33.98 21.54 -31.00
C PHE B 308 33.05 22.30 -31.93
N ASP B 309 32.86 21.78 -33.14
CA ASP B 309 32.02 22.41 -34.14
C ASP B 309 30.63 21.77 -34.10
N TYR B 310 30.01 21.83 -32.93
CA TYR B 310 28.74 21.16 -32.67
C TYR B 310 27.62 21.83 -33.47
N ASN B 311 26.78 21.00 -34.08
CA ASN B 311 25.66 21.48 -34.88
C ASN B 311 24.37 21.30 -34.10
N ILE B 312 23.56 22.36 -34.09
CA ILE B 312 22.36 22.42 -33.27
C ILE B 312 21.22 21.71 -33.99
N PRO B 313 20.67 20.64 -33.43
CA PRO B 313 19.59 19.92 -34.11
C PRO B 313 18.23 20.58 -33.90
N SER B 314 17.37 20.41 -34.90
CA SER B 314 16.00 20.89 -34.86
C SER B 314 15.08 19.69 -34.85
N VAL B 315 14.33 19.52 -33.75
CA VAL B 315 13.47 18.37 -33.57
C VAL B 315 12.06 18.86 -33.25
N ASN B 316 11.10 17.93 -33.33
CA ASN B 316 9.73 18.16 -32.88
C ASN B 316 9.23 16.92 -32.14
N ASN B 317 7.93 16.89 -31.86
CA ASN B 317 7.33 15.75 -31.17
C ASN B 317 7.40 14.46 -31.99
N ASN B 318 7.42 14.58 -33.32
CA ASN B 318 7.45 13.43 -34.20
C ASN B 318 8.85 12.90 -34.45
N THR B 319 9.88 13.72 -34.28
CA THR B 319 11.24 13.35 -34.63
C THR B 319 12.20 13.38 -33.45
N TYR B 320 11.75 13.71 -32.24
CA TYR B 320 12.64 13.68 -31.10
C TYR B 320 12.94 12.25 -30.68
N ASN B 321 14.21 11.91 -30.70
CA ASN B 321 14.74 10.70 -30.10
C ASN B 321 15.77 11.18 -29.08
N PRO B 322 15.59 10.85 -27.80
CA PRO B 322 16.57 11.29 -26.79
C PRO B 322 17.91 10.63 -26.93
N TYR B 323 18.00 9.43 -27.50
CA TYR B 323 19.30 8.82 -27.67
C TYR B 323 20.12 9.50 -28.76
N VAL B 324 19.46 9.95 -29.82
CA VAL B 324 20.15 10.70 -30.87
C VAL B 324 20.63 12.05 -30.36
N HIS B 325 19.84 12.69 -29.52
CA HIS B 325 20.23 13.99 -28.97
C HIS B 325 21.30 13.88 -27.90
N LEU B 326 21.14 12.93 -26.97
CA LEU B 326 22.11 12.80 -25.89
C LEU B 326 23.42 12.20 -26.36
N LEU B 327 23.38 11.30 -27.33
CA LEU B 327 24.58 10.66 -27.80
C LEU B 327 25.18 11.35 -29.03
N MET B 328 24.55 12.44 -29.47
CA MET B 328 25.04 13.31 -30.55
C MET B 328 25.16 12.54 -31.86
N LEU B 329 24.11 11.78 -32.20
CA LEU B 329 24.15 10.86 -33.32
C LEU B 329 23.48 11.43 -34.56
N GLU B 330 23.31 12.74 -34.63
CA GLU B 330 22.86 13.39 -35.85
C GLU B 330 23.92 13.22 -36.93
N PRO B 331 23.52 13.17 -38.21
CA PRO B 331 24.50 12.91 -39.27
C PRO B 331 25.56 13.99 -39.44
N ASN B 332 25.28 15.22 -39.04
CA ASN B 332 26.29 16.27 -39.11
C ASN B 332 27.06 16.42 -37.81
N ASN B 333 27.07 15.41 -36.95
CA ASN B 333 27.82 15.43 -35.71
C ASN B 333 28.53 14.13 -35.38
N ARG B 334 28.49 13.13 -36.26
CA ARG B 334 28.99 11.81 -35.88
C ARG B 334 30.52 11.75 -35.87
N ASN B 335 31.17 12.51 -36.74
CA ASN B 335 32.63 12.54 -36.76
C ASN B 335 33.18 13.23 -35.51
N ILE B 336 32.56 14.33 -35.12
CA ILE B 336 32.95 15.06 -33.93
C ILE B 336 32.68 14.22 -32.69
N THR B 337 31.58 13.46 -32.69
CA THR B 337 31.25 12.60 -31.57
C THR B 337 32.25 11.47 -31.42
N LEU B 338 32.67 10.89 -32.56
CA LEU B 338 33.65 9.80 -32.53
C LEU B 338 35.01 10.28 -32.05
N ASP B 339 35.45 11.45 -32.54
CA ASP B 339 36.72 12.02 -32.09
C ASP B 339 36.68 12.42 -30.62
N PHE B 340 35.54 12.96 -30.17
CA PHE B 340 35.29 13.26 -28.76
C PHE B 340 35.44 12.04 -27.87
N ILE B 341 34.73 10.95 -28.21
CA ILE B 341 34.77 9.71 -27.45
C ILE B 341 36.19 9.15 -27.39
N ARG B 342 36.87 9.08 -28.54
CA ARG B 342 38.17 8.40 -28.55
C ARG B 342 39.25 9.26 -27.91
N SER B 343 39.19 10.58 -28.10
CA SER B 343 40.17 11.48 -27.47
C SER B 343 40.04 11.44 -25.96
N LEU B 344 38.82 11.53 -25.43
CA LEU B 344 38.70 11.52 -23.99
C LEU B 344 38.82 10.13 -23.38
N SER B 345 38.58 9.06 -24.14
CA SER B 345 38.87 7.73 -23.62
C SER B 345 40.37 7.51 -23.50
N SER B 346 41.14 7.98 -24.49
CA SER B 346 42.60 7.92 -24.38
C SER B 346 43.12 8.81 -23.27
N PHE B 347 42.49 9.97 -23.04
CA PHE B 347 42.91 10.83 -21.94
C PHE B 347 42.63 10.20 -20.59
N CYS B 348 41.46 9.59 -20.41
CA CYS B 348 41.14 8.93 -19.16
C CYS B 348 42.05 7.73 -18.93
N SER B 349 42.37 6.99 -19.99
CA SER B 349 43.26 5.84 -19.89
C SER B 349 44.67 6.26 -19.50
N THR B 350 45.20 7.31 -20.12
CA THR B 350 46.58 7.67 -19.84
C THR B 350 46.74 8.52 -18.58
N GLU B 351 45.72 9.26 -18.16
CA GLU B 351 45.90 10.18 -17.05
C GLU B 351 45.07 9.81 -15.83
N LEU B 352 43.79 9.48 -16.03
CA LEU B 352 42.95 9.04 -14.92
C LEU B 352 43.19 7.59 -14.53
N LYS B 353 44.02 6.87 -15.28
CA LYS B 353 44.31 5.45 -15.08
C LYS B 353 43.04 4.61 -15.14
N ALA B 354 42.19 4.91 -16.11
CA ALA B 354 40.95 4.17 -16.32
C ALA B 354 41.25 2.85 -17.01
N THR B 355 40.74 1.76 -16.43
CA THR B 355 40.98 0.44 -16.96
C THR B 355 39.73 -0.28 -17.42
N ARG B 356 38.54 0.15 -16.99
CA ARG B 356 37.32 -0.60 -17.25
C ARG B 356 36.47 0.08 -18.32
N THR B 357 35.62 -0.74 -18.96
CA THR B 357 34.71 -0.31 -20.00
C THR B 357 33.28 -0.64 -19.61
N LEU B 358 32.33 -0.29 -20.48
CA LEU B 358 30.92 -0.58 -20.22
C LEU B 358 30.47 -1.93 -20.75
N ARG B 359 31.26 -2.56 -21.63
CA ARG B 359 30.79 -3.72 -22.36
C ARG B 359 30.60 -4.93 -21.45
N ASP B 360 31.48 -5.11 -20.46
CA ASP B 360 31.38 -6.23 -19.53
C ASP B 360 30.60 -5.85 -18.27
N HIS B 361 29.71 -4.87 -18.37
CA HIS B 361 29.10 -4.32 -17.17
C HIS B 361 27.60 -4.12 -17.35
N ILE B 362 27.10 -4.18 -18.59
CA ILE B 362 25.67 -3.96 -18.80
C ILE B 362 24.86 -5.19 -18.50
N SER B 363 25.48 -6.35 -18.40
CA SER B 363 24.77 -7.59 -18.08
C SER B 363 24.76 -7.90 -16.59
N ARG B 364 25.34 -7.05 -15.75
CA ARG B 364 25.35 -7.30 -14.33
C ARG B 364 24.01 -6.96 -13.71
N ARG B 365 23.83 -7.38 -12.46
CA ARG B 365 22.52 -7.39 -11.84
C ARG B 365 22.64 -7.19 -10.34
N SER B 366 21.87 -6.26 -9.81
CA SER B 366 21.92 -5.91 -8.40
C SER B 366 20.61 -5.28 -7.98
N ALA B 367 20.34 -5.31 -6.68
CA ALA B 367 19.12 -4.74 -6.13
C ALA B 367 19.24 -3.28 -5.78
N ALA B 368 20.31 -2.61 -6.22
CA ALA B 368 20.54 -1.22 -5.84
C ALA B 368 19.65 -0.25 -6.61
N ILE B 369 18.99 -0.72 -7.67
CA ILE B 369 18.16 0.16 -8.49
C ILE B 369 16.87 0.52 -7.77
N SER B 370 16.47 -0.26 -6.77
CA SER B 370 15.25 -0.02 -6.02
C SER B 370 15.44 1.02 -4.91
N ARG B 371 16.64 1.56 -4.76
CA ARG B 371 16.87 2.63 -3.80
C ARG B 371 16.65 3.99 -4.48
N CYS B 372 15.98 4.90 -3.79
CA CYS B 372 15.66 6.19 -4.37
C CYS B 372 15.60 7.26 -3.30
N VAL B 373 15.62 8.51 -3.74
CA VAL B 373 15.50 9.68 -2.89
C VAL B 373 14.10 10.25 -3.06
N ILE B 374 13.37 10.44 -1.97
CA ILE B 374 12.04 11.00 -2.04
C ILE B 374 12.11 12.47 -1.64
N LYS B 375 11.70 13.35 -2.55
CA LYS B 375 11.77 14.79 -2.38
C LYS B 375 10.37 15.38 -2.36
N GLY B 376 10.27 16.56 -1.76
CA GLY B 376 9.05 17.34 -1.75
C GLY B 376 9.07 18.40 -2.84
N PRO B 377 8.33 19.48 -2.64
CA PRO B 377 8.36 20.58 -3.61
C PRO B 377 9.68 21.34 -3.56
N GLU B 378 10.45 21.25 -4.64
CA GLU B 378 11.69 21.98 -4.79
C GLU B 378 11.59 22.96 -5.94
N ALA B 379 12.35 24.05 -5.83
CA ALA B 379 12.40 25.04 -6.87
C ALA B 379 13.15 24.50 -8.08
N PRO B 380 12.77 24.90 -9.29
CA PRO B 380 13.44 24.39 -10.49
C PRO B 380 14.84 24.97 -10.63
N THR B 381 15.66 24.24 -11.35
CA THR B 381 16.92 24.74 -11.88
C THR B 381 16.80 24.90 -13.38
N TRP B 382 15.66 25.40 -13.82
CA TRP B 382 15.36 25.59 -15.24
C TRP B 382 14.18 26.53 -15.37
N HIS B 383 13.97 27.00 -16.60
CA HIS B 383 12.75 27.68 -16.96
C HIS B 383 12.59 27.53 -18.47
N SER B 384 11.34 27.58 -18.93
CA SER B 384 11.04 27.40 -20.33
C SER B 384 10.74 28.70 -21.06
N SER B 385 11.08 29.84 -20.48
CA SER B 385 10.77 31.11 -21.10
C SER B 385 11.76 31.39 -22.23
N PRO B 386 11.32 31.96 -23.35
CA PRO B 386 12.23 32.22 -24.46
C PRO B 386 13.14 33.41 -24.18
N LEU B 387 14.44 33.18 -24.38
CA LEU B 387 15.46 34.18 -24.15
C LEU B 387 15.93 34.78 -25.47
N ASP B 388 16.17 36.08 -25.47
CA ASP B 388 16.80 36.74 -26.59
C ASP B 388 18.31 36.63 -26.47
N ASP B 389 19.02 37.19 -27.44
CA ASP B 389 20.47 37.17 -27.42
C ASP B 389 20.99 38.21 -26.44
N LEU B 390 22.03 37.84 -25.70
CA LEU B 390 22.64 38.73 -24.72
C LEU B 390 23.52 39.73 -25.46
N LYS B 391 23.09 40.98 -25.48
CA LYS B 391 23.86 42.04 -26.10
C LYS B 391 24.75 42.74 -25.09
N GLU B 392 24.17 43.15 -23.96
CA GLU B 392 24.89 43.86 -22.91
C GLU B 392 25.51 42.89 -21.92
N LYS B 393 25.98 43.40 -20.79
CA LYS B 393 26.41 42.58 -19.67
C LYS B 393 25.21 42.27 -18.79
N SER B 394 25.16 41.05 -18.28
CA SER B 394 24.04 40.60 -17.48
C SER B 394 24.18 41.11 -16.05
N LYS B 395 23.05 41.51 -15.47
CA LYS B 395 23.00 41.86 -14.06
C LYS B 395 22.85 40.59 -13.22
N GLN B 396 22.91 40.76 -11.91
CA GLN B 396 22.71 39.65 -10.99
C GLN B 396 21.27 39.67 -10.49
N GLY B 397 20.61 38.52 -10.56
CA GLY B 397 19.24 38.38 -10.11
C GLY B 397 19.15 37.52 -8.86
N ASN B 398 17.91 37.32 -8.42
CA ASN B 398 17.63 36.65 -7.16
C ASN B 398 16.60 35.55 -7.34
N PHE B 399 16.17 34.98 -6.21
CA PHE B 399 15.31 33.81 -6.21
C PHE B 399 13.88 34.14 -6.63
N SER B 400 13.33 35.26 -6.15
CA SER B 400 11.94 35.58 -6.40
C SER B 400 11.69 35.97 -7.84
N GLN B 401 12.61 36.74 -8.43
CA GLN B 401 12.46 37.15 -9.81
C GLN B 401 12.71 35.98 -10.76
N PHE B 402 13.51 35.00 -10.32
CA PHE B 402 13.63 33.76 -11.08
C PHE B 402 12.36 32.92 -11.02
N CYS B 403 11.76 32.79 -9.84
CA CYS B 403 10.55 32.00 -9.72
C CYS B 403 9.33 32.66 -10.35
N GLU B 404 9.34 33.97 -10.53
CA GLU B 404 8.31 34.59 -11.37
C GLU B 404 8.47 34.24 -12.84
N VAL B 405 9.71 34.13 -13.31
CA VAL B 405 9.96 33.71 -14.69
C VAL B 405 9.73 32.22 -14.87
N ALA B 406 10.21 31.40 -13.94
CA ALA B 406 10.06 29.96 -14.00
C ALA B 406 8.67 29.48 -13.65
N LYS B 407 7.78 30.39 -13.25
CA LYS B 407 6.38 30.13 -12.88
C LYS B 407 6.25 29.14 -11.74
N PHE B 408 7.09 29.27 -10.72
CA PHE B 408 7.08 28.37 -9.60
C PHE B 408 6.54 29.07 -8.35
N GLY B 409 5.56 28.45 -7.71
CA GLY B 409 5.02 28.95 -6.47
C GLY B 409 4.23 30.22 -6.62
N LEU B 410 3.39 30.27 -7.62
CA LEU B 410 2.62 31.46 -7.88
C LEU B 410 1.47 31.58 -6.88
N PRO B 411 1.01 32.80 -6.58
CA PRO B 411 -0.17 32.93 -5.72
C PRO B 411 -1.43 32.49 -6.44
N ARG B 412 -2.52 32.47 -5.67
CA ARG B 412 -3.81 32.11 -6.23
C ARG B 412 -4.30 33.21 -7.15
N LYS B 413 -4.77 32.84 -8.33
CA LYS B 413 -5.21 33.80 -9.32
C LYS B 413 -6.53 34.43 -8.92
N GLU B 414 -6.87 35.54 -9.58
CA GLU B 414 -8.09 36.25 -9.25
C GLU B 414 -9.27 35.67 -10.00
N ASN B 415 -10.44 35.70 -9.37
CA ASN B 415 -11.67 35.26 -9.99
C ASN B 415 -12.08 36.27 -11.06
N SER B 416 -12.04 35.84 -12.33
CA SER B 416 -12.44 36.72 -13.41
C SER B 416 -13.95 36.87 -13.50
N GLU B 417 -14.69 35.91 -12.92
CA GLU B 417 -16.16 35.90 -12.84
C GLU B 417 -16.80 35.90 -14.23
N SER B 418 -16.28 35.04 -15.10
CA SER B 418 -16.79 34.95 -16.47
C SER B 418 -17.98 34.01 -16.59
N TYR B 419 -18.17 33.09 -15.65
CA TYR B 419 -19.27 32.15 -15.68
C TYR B 419 -20.15 32.38 -14.47
N THR B 420 -21.46 32.24 -14.66
CA THR B 420 -22.43 32.53 -13.62
C THR B 420 -23.38 31.35 -13.48
N PHE B 421 -23.47 30.80 -12.27
CA PHE B 421 -24.39 29.71 -12.01
C PHE B 421 -25.81 30.24 -11.77
N LYS B 422 -26.78 29.33 -11.88
CA LYS B 422 -28.19 29.70 -11.92
C LYS B 422 -28.83 29.37 -10.58
N PHE B 423 -28.75 30.32 -9.67
CA PHE B 423 -29.35 30.17 -8.36
C PHE B 423 -30.80 30.66 -8.39
N PRO B 424 -31.73 29.93 -7.78
CA PRO B 424 -33.15 30.31 -7.86
C PRO B 424 -33.50 31.53 -7.02
N LYS B 425 -34.55 32.23 -7.47
CA LYS B 425 -35.00 33.41 -6.75
C LYS B 425 -35.66 33.05 -5.43
N ASP B 426 -36.40 31.95 -5.41
CA ASP B 426 -37.02 31.46 -4.19
C ASP B 426 -36.16 30.34 -3.62
N ALA B 427 -35.85 30.44 -2.33
CA ALA B 427 -34.96 29.49 -1.67
C ALA B 427 -35.70 28.36 -0.97
N SER B 428 -37.02 28.43 -0.88
CA SER B 428 -37.81 27.39 -0.27
C SER B 428 -38.29 26.35 -1.27
N THR B 429 -37.89 26.49 -2.54
CA THR B 429 -38.26 25.55 -3.58
C THR B 429 -37.25 24.42 -3.74
N ILE B 430 -36.09 24.52 -3.08
CA ILE B 430 -35.06 23.49 -3.15
C ILE B 430 -34.60 23.17 -1.74
N ASP B 431 -34.01 21.99 -1.59
CA ASP B 431 -33.29 21.64 -0.36
C ASP B 431 -31.84 22.04 -0.63
N THR B 432 -31.42 23.13 0.04
CA THR B 432 -30.19 23.81 -0.36
C THR B 432 -28.94 23.06 0.08
N ALA B 433 -29.08 22.09 0.98
CA ALA B 433 -27.95 21.22 1.29
C ALA B 433 -27.67 20.22 0.18
N PHE B 434 -28.63 20.00 -0.72
CA PHE B 434 -28.47 19.10 -1.84
C PHE B 434 -28.23 19.83 -3.15
N TYR B 435 -27.84 21.09 -3.09
CA TYR B 435 -27.62 21.92 -4.27
C TYR B 435 -26.21 22.51 -4.19
N LEU B 436 -25.39 22.20 -5.18
CA LEU B 436 -23.96 22.46 -5.12
C LEU B 436 -23.59 23.91 -5.38
N ILE B 437 -24.56 24.80 -5.51
CA ILE B 437 -24.33 26.21 -5.79
C ILE B 437 -24.74 27.01 -4.58
N GLN B 438 -23.81 27.79 -4.05
CA GLN B 438 -24.04 28.53 -2.81
C GLN B 438 -24.94 29.74 -3.05
N GLU B 439 -25.28 30.41 -1.96
CA GLU B 439 -25.92 31.72 -1.97
C GLU B 439 -24.89 32.82 -1.75
N ASN B 440 -23.69 32.58 -2.29
CA ASN B 440 -22.46 33.33 -2.03
C ASN B 440 -22.17 33.36 -0.53
N GLY B 441 -21.94 32.18 0.05
CA GLY B 441 -21.65 32.07 1.47
C GLY B 441 -20.17 31.98 1.77
N ARG B 442 -19.72 30.80 2.21
CA ARG B 442 -18.35 30.61 2.63
C ARG B 442 -17.39 30.63 1.46
N SER B 443 -16.24 31.28 1.65
CA SER B 443 -15.18 31.25 0.66
C SER B 443 -14.14 30.20 1.03
N SER B 444 -13.29 29.87 0.07
CA SER B 444 -12.32 28.81 0.28
C SER B 444 -11.15 29.30 1.11
N VAL B 445 -10.55 28.38 1.85
CA VAL B 445 -9.36 28.66 2.63
C VAL B 445 -8.13 27.99 2.02
N LEU B 446 -8.27 27.49 0.80
CA LEU B 446 -7.17 26.86 0.08
C LEU B 446 -6.26 27.95 -0.48
N ASP B 447 -5.06 28.04 0.05
CA ASP B 447 -4.09 29.00 -0.46
C ASP B 447 -2.80 28.28 -0.84
N PRO B 448 -2.21 28.61 -1.98
CA PRO B 448 -0.98 27.94 -2.39
C PRO B 448 0.21 28.41 -1.57
N THR B 449 1.24 27.57 -1.52
CA THR B 449 2.49 27.99 -0.90
C THR B 449 3.28 28.84 -1.87
N THR B 450 3.54 30.07 -1.46
CA THR B 450 4.37 30.99 -2.22
C THR B 450 5.81 30.52 -2.17
N ALA B 451 6.56 30.77 -3.26
CA ALA B 451 7.94 30.35 -3.38
C ALA B 451 8.84 30.99 -2.32
N ASP B 452 9.33 30.18 -1.39
CA ASP B 452 10.24 30.61 -0.35
C ASP B 452 11.55 29.86 -0.53
N GLU B 453 12.66 30.51 -0.21
CA GLU B 453 13.96 29.91 -0.47
C GLU B 453 14.27 28.82 0.55
N GLU B 454 13.87 29.03 1.81
CA GLU B 454 14.14 28.05 2.85
C GLU B 454 13.31 26.79 2.66
N LEU B 455 12.07 26.94 2.18
CA LEU B 455 11.22 25.78 1.94
C LEU B 455 11.66 25.00 0.71
N HIS B 456 12.03 25.71 -0.35
CA HIS B 456 12.15 25.08 -1.65
C HIS B 456 13.59 24.95 -2.13
N THR B 457 14.58 25.29 -1.31
CA THR B 457 15.96 24.94 -1.60
C THR B 457 16.64 24.21 -0.45
N GLU B 458 16.02 24.14 0.73
CA GLU B 458 16.65 23.55 1.89
C GLU B 458 15.79 22.45 2.50
N GLY B 459 14.84 21.93 1.73
CA GLY B 459 13.99 20.87 2.24
C GLY B 459 14.74 19.56 2.42
N MET B 460 14.28 18.78 3.38
CA MET B 460 14.92 17.52 3.68
C MET B 460 14.47 16.45 2.69
N ASN B 461 15.32 15.47 2.49
CA ASN B 461 15.03 14.35 1.61
C ASN B 461 14.76 13.11 2.43
N LEU B 462 14.10 12.13 1.82
CA LEU B 462 13.95 10.80 2.38
C LEU B 462 14.73 9.82 1.54
N LEU B 463 15.39 8.88 2.20
CA LEU B 463 16.10 7.80 1.52
C LEU B 463 15.28 6.52 1.62
N PHE B 464 14.93 5.97 0.47
CA PHE B 464 14.11 4.76 0.39
C PHE B 464 15.00 3.58 0.06
N ASP B 465 14.72 2.45 0.71
CA ASP B 465 15.48 1.23 0.52
C ASP B 465 14.58 0.05 0.87
N PRO B 466 14.30 -0.85 -0.07
CA PRO B 466 13.37 -1.94 0.22
C PRO B 466 13.98 -3.13 0.94
N TYR B 467 15.31 -3.24 1.02
CA TYR B 467 15.89 -4.50 1.46
C TYR B 467 16.74 -4.41 2.72
N ASP B 468 17.48 -3.34 2.95
CA ASP B 468 18.31 -3.27 4.15
C ASP B 468 18.32 -1.85 4.70
N ASP B 469 18.43 -1.77 6.02
CA ASP B 469 18.45 -0.49 6.73
C ASP B 469 19.89 -0.14 7.08
N GLU B 470 20.68 0.19 6.06
CA GLU B 470 22.04 0.67 6.23
C GLU B 470 22.22 1.98 5.49
N SER B 471 22.87 2.94 6.16
CA SER B 471 23.03 4.27 5.60
C SER B 471 24.27 4.38 4.73
N SER B 472 25.20 3.45 4.86
CA SER B 472 26.40 3.44 4.03
C SER B 472 26.10 3.03 2.59
N ALA B 473 24.95 2.40 2.35
CA ALA B 473 24.56 2.06 1.00
C ALA B 473 23.83 3.19 0.28
N HIS B 474 23.56 4.29 0.96
CA HIS B 474 22.93 5.42 0.31
C HIS B 474 23.92 6.48 -0.14
N TYR B 475 25.22 6.23 0.03
CA TYR B 475 26.25 7.06 -0.56
C TYR B 475 26.10 7.17 -2.07
N ALA B 476 25.86 6.06 -2.74
CA ALA B 476 25.64 6.14 -4.17
C ALA B 476 24.22 6.53 -4.52
N THR B 477 23.28 6.37 -3.59
CA THR B 477 21.89 6.73 -3.86
C THR B 477 21.73 8.24 -3.94
N VAL B 478 22.43 8.98 -3.08
CA VAL B 478 22.32 10.44 -3.14
C VAL B 478 23.05 11.01 -4.35
N LEU B 479 23.93 10.23 -4.97
CA LEU B 479 24.65 10.71 -6.15
C LEU B 479 23.97 10.28 -7.44
N SER B 480 23.20 9.20 -7.41
CA SER B 480 22.75 8.54 -8.63
C SER B 480 21.71 9.32 -9.41
N GLY B 481 20.69 9.82 -8.74
CA GLY B 481 19.63 10.56 -9.41
C GLY B 481 18.31 9.84 -9.50
N LYS B 482 18.19 8.63 -8.99
CA LYS B 482 16.90 7.94 -8.91
C LYS B 482 16.06 8.65 -7.86
N LEU B 483 14.96 9.27 -8.26
CA LEU B 483 14.19 10.03 -7.30
C LEU B 483 12.71 10.06 -7.67
N ILE B 484 11.89 10.21 -6.63
CA ILE B 484 10.47 10.51 -6.73
C ILE B 484 10.27 11.88 -6.11
N GLN B 485 9.89 12.86 -6.92
CA GLN B 485 9.64 14.21 -6.43
C GLN B 485 8.14 14.45 -6.41
N ASN B 486 7.56 14.36 -5.22
CA ASN B 486 6.13 14.47 -5.00
C ASN B 486 5.85 15.84 -4.40
N SER B 487 4.85 16.54 -4.95
CA SER B 487 4.49 17.84 -4.43
C SER B 487 3.10 17.92 -3.84
N ASN B 488 2.11 17.27 -4.43
CA ASN B 488 0.75 17.41 -3.92
C ASN B 488 -0.02 16.10 -3.75
N ILE B 489 0.58 14.96 -4.07
CA ILE B 489 -0.13 13.69 -3.88
C ILE B 489 -0.02 13.28 -2.43
N ASP B 490 -1.16 13.01 -1.80
CA ASP B 490 -1.16 12.61 -0.41
C ASP B 490 -1.53 11.15 -0.20
N GLY B 491 -2.20 10.52 -1.16
CA GLY B 491 -2.64 9.15 -0.99
C GLY B 491 -2.70 8.37 -2.28
N GLU B 492 -2.36 7.08 -2.18
CA GLU B 492 -2.50 6.12 -3.26
C GLU B 492 -3.29 4.91 -2.76
N THR B 493 -4.26 4.47 -3.57
CA THR B 493 -5.20 3.44 -3.17
C THR B 493 -4.78 2.09 -3.76
N LEU B 494 -4.74 1.06 -2.91
CA LEU B 494 -4.37 -0.28 -3.31
C LEU B 494 -5.61 -1.10 -3.62
N LEU B 495 -5.56 -1.88 -4.71
CA LEU B 495 -6.64 -2.80 -5.02
C LEU B 495 -6.52 -4.04 -4.14
N LEU B 496 -7.56 -4.32 -3.39
CA LEU B 496 -7.49 -5.47 -2.52
C LEU B 496 -7.69 -6.76 -3.29
N PRO B 497 -7.06 -7.85 -2.86
CA PRO B 497 -7.20 -9.12 -3.57
C PRO B 497 -8.61 -9.67 -3.48
N ASP B 498 -9.07 -10.25 -4.58
CA ASP B 498 -10.33 -10.96 -4.58
C ASP B 498 -10.06 -12.44 -4.74
N PRO B 499 -10.37 -13.27 -3.74
CA PRO B 499 -10.08 -14.71 -3.85
C PRO B 499 -10.97 -15.47 -4.83
N THR B 500 -11.96 -14.83 -5.43
CA THR B 500 -12.80 -15.47 -6.43
C THR B 500 -12.30 -15.26 -7.85
N THR B 501 -11.45 -14.27 -8.08
CA THR B 501 -10.94 -14.00 -9.42
C THR B 501 -9.73 -14.88 -9.71
N GLY B 502 -9.22 -14.78 -10.93
CA GLY B 502 -8.04 -15.53 -11.31
C GLY B 502 -6.80 -14.98 -10.64
N LEU B 503 -5.87 -15.89 -10.34
CA LEU B 503 -4.73 -15.51 -9.52
C LEU B 503 -3.69 -14.72 -10.33
N ALA B 504 -3.77 -14.77 -11.65
CA ALA B 504 -2.91 -13.94 -12.49
C ALA B 504 -3.25 -12.47 -12.33
N ARG B 505 -4.54 -12.16 -12.32
CA ARG B 505 -5.00 -10.80 -12.11
C ARG B 505 -4.72 -10.33 -10.70
N THR B 506 -4.77 -11.24 -9.73
CA THR B 506 -4.51 -10.87 -8.35
C THR B 506 -3.02 -10.60 -8.13
N ASN B 507 -2.16 -11.44 -8.67
CA ASN B 507 -0.72 -11.25 -8.56
C ASN B 507 -0.16 -10.32 -9.64
N SER B 508 -1.02 -9.67 -10.42
CA SER B 508 -0.57 -8.71 -11.42
C SER B 508 -1.06 -7.31 -11.09
N ARG B 509 -1.00 -6.91 -9.83
CA ARG B 509 -1.41 -5.57 -9.42
C ARG B 509 -0.18 -4.67 -9.40
N TYR B 510 0.19 -4.17 -10.58
CA TYR B 510 1.46 -3.49 -10.73
C TYR B 510 1.38 -1.98 -10.85
N LEU B 511 0.29 -1.44 -11.37
CA LEU B 511 0.16 0.01 -11.61
C LEU B 511 -0.58 0.71 -10.49
N GLN B 512 -0.39 0.26 -9.25
CA GLN B 512 -1.21 0.75 -8.15
C GLN B 512 -0.74 2.12 -7.68
N GLY B 513 0.55 2.28 -7.44
CA GLY B 513 1.06 3.57 -7.02
C GLY B 513 1.54 4.43 -8.17
N SER B 514 0.79 4.50 -9.25
CA SER B 514 1.20 5.22 -10.43
C SER B 514 0.13 6.17 -10.90
N VAL B 515 0.55 7.24 -11.58
CA VAL B 515 -0.33 8.22 -12.17
C VAL B 515 -0.01 8.30 -13.66
N LEU B 516 -1.05 8.22 -14.48
CA LEU B 516 -0.90 8.45 -15.91
C LEU B 516 -0.59 9.92 -16.16
N ILE B 517 0.34 10.20 -17.06
CA ILE B 517 0.91 11.54 -17.14
C ILE B 517 0.05 12.48 -17.99
N ARG B 518 -1.12 12.03 -18.40
CA ARG B 518 -2.15 12.93 -18.88
C ARG B 518 -2.62 13.88 -17.79
N ASN B 519 -2.54 13.46 -16.54
CA ASN B 519 -2.92 14.23 -15.38
C ASN B 519 -1.74 14.95 -14.73
N VAL B 520 -0.53 14.72 -15.19
CA VAL B 520 0.67 15.24 -14.57
C VAL B 520 1.13 16.50 -15.30
N LEU B 521 1.41 17.54 -14.52
CA LEU B 521 1.82 18.84 -15.05
C LEU B 521 3.26 18.76 -15.58
N PRO B 522 3.50 19.14 -16.84
CA PRO B 522 4.87 19.10 -17.37
C PRO B 522 5.72 20.21 -16.77
N GLU B 523 7.00 19.94 -16.62
CA GLU B 523 7.90 20.89 -15.98
C GLU B 523 8.62 21.80 -16.96
N PHE B 524 8.79 21.41 -18.21
CA PHE B 524 9.56 22.20 -19.16
C PHE B 524 8.67 22.65 -20.32
N ASP B 525 7.38 22.74 -20.07
CA ASP B 525 6.47 23.51 -20.92
C ASP B 525 6.27 24.87 -20.25
N GLN B 526 5.33 25.70 -20.68
CA GLN B 526 5.21 27.06 -20.15
C GLN B 526 4.09 27.11 -19.12
N HIS B 527 3.98 26.06 -18.32
CA HIS B 527 2.89 25.93 -17.36
C HIS B 527 3.23 26.57 -16.03
N GLU B 528 2.18 26.89 -15.28
CA GLU B 528 2.30 27.53 -13.98
C GLU B 528 2.19 26.49 -12.88
N ILE B 529 2.98 26.65 -11.83
CA ILE B 529 3.02 25.71 -10.72
C ILE B 529 2.50 26.42 -9.48
N ARG B 530 1.33 26.01 -9.01
CA ARG B 530 0.74 26.48 -7.76
C ARG B 530 0.73 25.31 -6.78
N LEU B 531 1.38 25.51 -5.64
CA LEU B 531 1.62 24.45 -4.67
C LEU B 531 0.60 24.54 -3.56
N PHE B 532 -0.59 23.98 -3.80
CA PHE B 532 -1.55 23.82 -2.72
C PHE B 532 -1.04 22.73 -1.78
N PRO B 533 -0.95 23.01 -0.49
CA PRO B 533 -0.13 22.17 0.39
C PRO B 533 -0.80 20.85 0.76
N ARG B 534 0.05 19.87 1.00
CA ARG B 534 -0.40 18.62 1.60
C ARG B 534 -0.79 18.86 3.04
N TYR B 535 -1.68 18.00 3.54
CA TYR B 535 -2.25 18.18 4.86
C TYR B 535 -1.20 17.90 5.93
N PRO B 536 -1.14 18.70 7.00
CA PRO B 536 -0.09 18.50 8.01
C PRO B 536 -0.33 17.23 8.82
N GLN B 537 0.72 16.44 8.96
CA GLN B 537 0.69 15.18 9.69
C GLN B 537 1.08 15.40 11.15
N ILE B 538 0.43 16.35 11.82
CA ILE B 538 0.73 16.69 13.20
C ILE B 538 -0.53 16.34 13.99
N SER B 539 -1.23 15.32 13.56
CA SER B 539 -2.44 14.85 14.22
C SER B 539 -2.07 13.93 15.36
N ARG B 540 -3.07 13.52 16.12
CA ARG B 540 -2.86 12.68 17.30
C ARG B 540 -2.94 11.20 17.00
N LEU B 541 -3.66 10.80 15.95
CA LEU B 541 -3.78 9.40 15.58
C LEU B 541 -3.55 9.24 14.09
N SER B 542 -3.21 8.03 13.69
CA SER B 542 -3.05 7.72 12.28
C SER B 542 -4.39 7.70 11.58
N ALA B 543 -4.39 8.09 10.31
CA ALA B 543 -5.59 8.15 9.49
C ALA B 543 -5.49 7.16 8.34
N SER B 544 -6.63 6.84 7.75
CA SER B 544 -6.70 6.02 6.54
C SER B 544 -7.99 6.33 5.80
N LEU B 545 -8.15 5.69 4.63
CA LEU B 545 -9.35 5.82 3.83
C LEU B 545 -9.63 4.52 3.14
N THR B 546 -10.85 4.02 3.27
CA THR B 546 -11.25 2.74 2.70
C THR B 546 -12.39 2.93 1.71
N LEU B 547 -12.29 2.24 0.58
CA LEU B 547 -13.26 2.37 -0.50
C LEU B 547 -14.03 1.08 -0.66
N LEU B 548 -15.34 1.21 -0.79
CA LEU B 548 -16.24 0.07 -0.85
C LEU B 548 -16.76 -0.11 -2.27
N PHE B 549 -16.86 -1.38 -2.67
CA PHE B 549 -17.54 -1.94 -3.84
C PHE B 549 -16.86 -1.61 -5.17
N ASN B 550 -16.04 -0.56 -5.21
CA ASN B 550 -15.33 -0.09 -6.39
C ASN B 550 -14.35 0.96 -5.93
N MET B 551 -13.07 0.81 -6.24
CA MET B 551 -12.10 1.82 -5.86
C MET B 551 -11.76 2.75 -7.01
N ARG B 552 -12.23 2.43 -8.21
CA ARG B 552 -11.87 3.13 -9.43
C ARG B 552 -12.54 4.49 -9.56
N GLN B 553 -13.58 4.74 -8.80
CA GLN B 553 -14.29 6.00 -8.86
C GLN B 553 -14.96 6.25 -7.52
N VAL B 554 -15.13 7.52 -7.18
CA VAL B 554 -15.77 7.93 -5.94
C VAL B 554 -17.19 8.36 -6.29
N TRP B 555 -18.17 7.77 -5.63
CA TRP B 555 -19.56 8.03 -5.94
C TRP B 555 -20.05 9.33 -5.32
N ILE B 556 -20.80 10.09 -6.08
CA ILE B 556 -21.57 11.22 -5.57
C ILE B 556 -23.04 10.90 -5.80
N PRO B 557 -23.83 10.75 -4.74
CA PRO B 557 -25.17 10.17 -4.89
C PRO B 557 -26.16 11.16 -5.47
N ARG B 558 -27.08 10.64 -6.25
CA ARG B 558 -28.17 11.42 -6.82
C ARG B 558 -29.48 10.77 -6.41
N PHE B 559 -30.27 11.50 -5.63
CA PHE B 559 -31.40 10.91 -4.93
C PHE B 559 -32.68 11.03 -5.74
N LYS B 560 -33.56 10.04 -5.59
CA LYS B 560 -34.92 10.16 -6.07
C LYS B 560 -35.74 11.03 -5.12
N GLN B 561 -36.94 11.40 -5.55
CA GLN B 561 -37.72 12.36 -4.77
C GLN B 561 -38.31 11.69 -3.53
N LYS B 562 -38.80 10.46 -3.66
CA LYS B 562 -39.36 9.73 -2.53
C LYS B 562 -38.38 8.63 -2.13
N VAL B 563 -37.76 8.79 -0.96
CA VAL B 563 -36.74 7.86 -0.50
C VAL B 563 -37.20 7.20 0.80
N ASP B 564 -36.43 6.23 1.26
CA ASP B 564 -36.80 5.38 2.40
C ASP B 564 -36.73 6.15 3.72
N GLU B 565 -35.61 6.81 3.99
CA GLU B 565 -35.42 7.55 5.22
C GLU B 565 -34.64 8.83 4.92
N GLN B 566 -34.37 9.59 5.97
CA GLN B 566 -33.59 10.83 5.86
C GLN B 566 -32.13 10.51 5.58
N PRO B 567 -31.55 11.06 4.52
CA PRO B 567 -30.10 10.90 4.32
C PRO B 567 -29.31 11.77 5.28
N LYS B 568 -28.42 11.15 6.04
CA LYS B 568 -27.59 11.88 7.00
C LYS B 568 -26.41 12.50 6.27
N LEU B 569 -26.28 13.82 6.37
CA LEU B 569 -25.17 14.53 5.73
C LEU B 569 -24.01 14.72 6.70
N SER B 570 -23.45 13.59 7.13
CA SER B 570 -22.27 13.59 7.96
C SER B 570 -21.07 12.94 7.29
N ASN B 571 -21.28 12.13 6.26
CA ASN B 571 -20.21 11.49 5.53
C ASN B 571 -19.84 12.28 4.27
N PHE B 572 -20.55 13.38 4.00
CA PHE B 572 -20.25 14.25 2.87
C PHE B 572 -19.18 15.24 3.30
N SER B 573 -18.01 15.16 2.69
CA SER B 573 -16.92 16.11 2.97
C SER B 573 -16.99 17.20 1.92
N TRP B 574 -17.40 18.41 2.33
CA TRP B 574 -17.63 19.48 1.38
C TRP B 574 -16.36 20.30 1.15
N ASN B 575 -16.21 20.79 -0.07
CA ASN B 575 -15.15 21.71 -0.45
C ASN B 575 -15.83 23.03 -0.75
N GLU B 576 -15.99 23.85 0.29
CA GLU B 576 -16.83 25.03 0.20
C GLU B 576 -16.14 26.16 -0.56
N GLY B 577 -16.92 26.86 -1.38
CA GLY B 577 -16.47 28.08 -2.02
C GLY B 577 -15.48 27.90 -3.15
N CYS B 578 -15.87 27.17 -4.19
CA CYS B 578 -15.02 26.96 -5.34
C CYS B 578 -15.35 27.98 -6.41
N ASP B 579 -14.31 28.63 -6.94
CA ASP B 579 -14.48 29.68 -7.92
C ASP B 579 -13.54 29.60 -9.10
N GLY B 580 -13.01 28.41 -9.40
CA GLY B 580 -12.06 28.26 -10.48
C GLY B 580 -10.63 28.55 -10.14
N THR B 581 -10.37 29.08 -8.95
CA THR B 581 -9.02 29.44 -8.53
C THR B 581 -8.45 28.47 -7.50
N VAL B 582 -9.25 27.53 -7.01
CA VAL B 582 -8.84 26.54 -6.03
C VAL B 582 -9.07 25.17 -6.65
N PRO B 583 -8.49 24.09 -6.11
CA PRO B 583 -8.90 22.76 -6.55
C PRO B 583 -10.33 22.46 -6.13
N SER B 584 -11.13 21.99 -7.07
CA SER B 584 -12.51 21.64 -6.76
C SER B 584 -12.62 20.21 -6.24
N LEU B 585 -11.89 19.29 -6.84
CA LEU B 585 -11.85 17.90 -6.42
C LEU B 585 -10.44 17.53 -5.98
N ASN B 586 -10.34 16.40 -5.30
CA ASN B 586 -9.05 15.87 -4.87
C ASN B 586 -8.83 14.44 -5.33
N VAL B 587 -9.58 13.99 -6.33
CA VAL B 587 -9.58 12.61 -6.77
C VAL B 587 -9.19 12.56 -8.24
N VAL B 588 -8.12 11.84 -8.55
CA VAL B 588 -7.67 11.62 -9.91
C VAL B 588 -8.01 10.18 -10.29
N THR B 589 -8.95 10.01 -11.20
CA THR B 589 -9.47 8.70 -11.59
C THR B 589 -8.65 8.17 -12.77
N ALA B 590 -9.04 7.10 -13.44
CA ALA B 590 -8.32 6.59 -14.59
C ALA B 590 -9.22 6.53 -15.82
N GLN B 601 -2.15 18.33 -15.78
CA GLN B 601 -2.76 19.62 -15.48
C GLN B 601 -2.88 19.84 -13.98
N GLN B 602 -3.16 18.75 -13.25
CA GLN B 602 -3.52 18.86 -11.85
C GLN B 602 -2.50 18.24 -10.90
N VAL B 603 -1.80 17.20 -11.31
CA VAL B 603 -0.86 16.48 -10.46
C VAL B 603 0.54 17.01 -10.71
N ILE B 604 1.25 17.37 -9.64
CA ILE B 604 2.61 17.87 -9.73
C ILE B 604 3.53 16.76 -9.25
N LEU B 605 4.16 16.06 -10.19
CA LEU B 605 4.96 14.89 -9.87
C LEU B 605 6.03 14.69 -10.94
N TRP B 606 7.23 14.35 -10.50
CA TRP B 606 8.22 13.76 -11.38
C TRP B 606 8.72 12.50 -10.70
N SER B 607 8.94 11.46 -11.47
CA SER B 607 9.46 10.22 -10.92
C SER B 607 10.49 9.63 -11.87
N SER B 608 11.52 9.02 -11.27
CA SER B 608 12.44 8.21 -12.03
C SER B 608 11.81 6.90 -12.49
N TYR B 609 10.82 6.41 -11.76
CA TYR B 609 10.29 5.07 -11.94
C TYR B 609 9.04 5.16 -12.81
N ARG B 610 9.07 4.48 -13.96
CA ARG B 610 8.07 4.67 -15.00
C ARG B 610 7.65 3.35 -15.61
N HIS B 611 6.52 3.40 -16.32
CA HIS B 611 6.02 2.28 -17.10
C HIS B 611 5.34 2.78 -18.36
N VAL B 612 5.71 2.16 -19.48
CA VAL B 612 5.10 2.44 -20.78
C VAL B 612 4.17 1.27 -21.10
N SER B 613 2.95 1.59 -21.55
CA SER B 613 1.96 0.54 -21.72
C SER B 613 2.06 -0.18 -23.06
N ASN B 614 2.94 0.26 -23.95
CA ASN B 614 3.16 -0.42 -25.22
C ASN B 614 4.62 -0.27 -25.65
N SER B 615 4.92 -0.79 -26.83
CA SER B 615 6.28 -0.76 -27.38
C SER B 615 6.44 0.30 -28.46
N ASP B 616 5.55 1.28 -28.50
CA ASP B 616 5.58 2.34 -29.50
C ASP B 616 6.24 3.58 -28.91
N ARG B 617 6.15 4.69 -29.66
CA ARG B 617 6.62 5.98 -29.18
C ARG B 617 5.86 6.37 -27.93
N PRO B 618 6.52 6.90 -26.90
CA PRO B 618 5.80 7.27 -25.68
C PRO B 618 4.89 8.47 -25.92
N THR B 619 3.63 8.29 -25.59
CA THR B 619 2.65 9.35 -25.63
C THR B 619 2.27 9.72 -24.21
N VAL B 620 1.37 10.68 -24.09
CA VAL B 620 0.97 11.14 -22.77
C VAL B 620 -0.07 10.17 -22.19
N ASP B 621 -0.68 9.35 -23.03
CA ASP B 621 -1.68 8.37 -22.61
C ASP B 621 -1.09 6.98 -22.35
N THR B 622 0.22 6.80 -22.48
CA THR B 622 0.83 5.49 -22.29
C THR B 622 1.89 5.43 -21.20
N VAL B 623 2.28 6.56 -20.63
CA VAL B 623 3.38 6.59 -19.66
C VAL B 623 2.81 6.86 -18.27
N TYR B 624 3.27 6.08 -17.30
CA TYR B 624 2.83 6.20 -15.90
C TYR B 624 4.01 6.62 -15.03
N TYR B 625 3.81 7.66 -14.22
CA TYR B 625 4.75 8.05 -13.17
C TYR B 625 4.38 7.36 -11.87
N TYR B 626 5.34 6.67 -11.26
CA TYR B 626 5.14 6.07 -9.96
C TYR B 626 5.42 7.04 -8.84
N SER B 627 4.38 7.41 -8.10
CA SER B 627 4.51 8.32 -6.98
C SER B 627 5.07 7.67 -5.73
N THR B 628 5.11 6.34 -5.70
CA THR B 628 5.68 5.59 -4.59
C THR B 628 6.02 4.19 -5.06
N LEU B 629 6.84 3.51 -4.27
CA LEU B 629 7.10 2.10 -4.44
C LEU B 629 6.67 1.28 -3.24
N GLU B 630 5.90 1.87 -2.32
CA GLU B 630 5.56 1.17 -1.08
C GLU B 630 4.29 0.35 -1.23
N LEU B 631 3.54 0.51 -2.31
CA LEU B 631 2.49 -0.45 -2.59
C LEU B 631 3.06 -1.77 -3.09
N LEU B 632 4.26 -1.72 -3.66
CA LEU B 632 4.99 -2.90 -4.10
C LEU B 632 5.86 -3.48 -3.00
N PHE B 633 6.60 -2.65 -2.28
CA PHE B 633 7.58 -3.16 -1.34
C PHE B 633 7.12 -3.09 0.11
N GLY B 634 6.07 -2.35 0.42
CA GLY B 634 5.52 -2.31 1.76
C GLY B 634 6.07 -1.16 2.58
N THR B 635 5.40 -0.92 3.69
CA THR B 635 5.87 0.01 4.71
C THR B 635 6.93 -0.63 5.59
N ARG B 636 7.23 -1.91 5.39
CA ARG B 636 8.30 -2.56 6.13
C ARG B 636 9.69 -2.18 5.62
N SER B 637 9.77 -1.38 4.57
CA SER B 637 11.00 -0.93 3.96
C SER B 637 11.58 0.26 4.72
N SER B 638 12.89 0.41 4.61
CA SER B 638 13.64 1.42 5.35
C SER B 638 13.37 2.81 4.81
N MET B 639 13.18 3.76 5.71
CA MET B 639 13.10 5.19 5.38
C MET B 639 14.05 5.95 6.29
N MET B 640 14.96 6.69 5.68
CA MET B 640 15.94 7.52 6.36
C MET B 640 15.89 8.92 5.79
N GLN B 641 16.12 9.91 6.65
CA GLN B 641 15.98 11.31 6.28
C GLN B 641 17.36 11.96 6.17
N THR B 642 17.57 12.74 5.12
CA THR B 642 18.89 13.29 4.85
C THR B 642 18.74 14.69 4.23
N TYR B 643 19.86 15.32 3.92
CA TYR B 643 19.89 16.65 3.32
C TYR B 643 19.89 16.55 1.80
N ASN B 644 19.91 17.71 1.16
CA ASN B 644 20.12 17.77 -0.28
C ASN B 644 21.56 17.47 -0.61
N LEU B 645 21.82 17.14 -1.88
CA LEU B 645 23.17 16.82 -2.30
C LEU B 645 24.11 18.01 -2.25
N HIS B 646 23.62 19.21 -2.58
CA HIS B 646 24.46 20.38 -2.51
C HIS B 646 24.71 20.84 -1.08
N GLN B 647 23.93 20.37 -0.11
CA GLN B 647 24.23 20.58 1.29
C GLN B 647 25.12 19.49 1.87
N LEU B 648 25.45 18.47 1.08
CA LEU B 648 26.29 17.36 1.49
C LEU B 648 27.64 17.35 0.78
N LEU B 649 27.69 17.86 -0.44
CA LEU B 649 28.88 17.86 -1.26
C LEU B 649 29.22 19.31 -1.57
N SER B 650 30.28 19.81 -0.95
CA SER B 650 30.66 21.21 -1.07
C SER B 650 31.35 21.47 -2.40
N LEU B 651 31.40 22.75 -2.78
CA LEU B 651 32.07 23.17 -4.01
C LEU B 651 33.40 23.81 -3.65
N HIS B 652 34.49 23.04 -3.76
CA HIS B 652 35.81 23.63 -3.64
C HIS B 652 36.81 22.98 -4.59
#